data_6PBN
#
_entry.id   6PBN
#
_cell.length_a   181.023
_cell.length_b   53.842
_cell.length_c   96.867
_cell.angle_alpha   90.00
_cell.angle_beta   98.77
_cell.angle_gamma   90.00
#
_symmetry.space_group_name_H-M   'C 1 2 1'
#
loop_
_entity.id
_entity.type
_entity.pdbx_description
1 polymer 'Pseudopaline Dehdyrogenase'
2 non-polymer 'NADP NICOTINAMIDE-ADENINE-DINUCLEOTIDE PHOSPHATE'
3 non-polymer 1,2-ETHANEDIOL
4 non-polymer '2-OXOGLUTARIC ACID'
5 non-polymer N-[(3S)-3-amino-3-carboxypropyl]-L-histidine
6 water water
#
_entity_poly.entity_id   1
_entity_poly.type   'polypeptide(L)'
_entity_poly.pdbx_seq_one_letter_code
;HHHHHHSSGLVPRGSHMNAADESLGNVLLVGLGAVAIQVALDLRRHGAGRLGALNHPGRRSQRIAEALARGACLQLEGQG
QHRWLSGNAALDVFHQDPAELRDDWQTLVLCVPADSYLDVVRGLPWERLGGVRTLLLVSAFIGANLLVRSALPAGCQATV
LSLSSYYAATKVIDETQPLRALTKAVKRRVYLGSSRPDCPARETWRRVLAGSGVEVVPLATPEAAEGRNVTTYVHSPFFL
GEFALARILSEQGPPGFMYKLYPEGPITPGAIGAMRRLWCELSELLRRMGAEPLNLLRFLNDDNYPVHETMLPRASIDGF
AEAGAERQEYLLFVRYAALLVDPFSPADEQGRHFDFSAVPFRRVSRDEDGLWRLPRVPLEDYRKLALIVALAAHFDLAMP
QARSLLASYENAVSRFIDCQGASQCHPSLYPIDSRPAADAIYRQWCSTC
;
_entity_poly.pdbx_strand_id   A,B
#
# COMPACT_ATOMS: atom_id res chain seq x y z
N SER A 23 6.68 19.75 -44.87
CA SER A 23 7.48 18.98 -43.91
C SER A 23 7.59 19.84 -42.63
N LEU A 24 8.54 19.51 -41.77
CA LEU A 24 8.78 20.37 -40.62
C LEU A 24 9.62 21.59 -41.00
N GLY A 25 10.38 21.51 -42.09
CA GLY A 25 11.23 22.61 -42.44
C GLY A 25 12.22 22.89 -41.33
N ASN A 26 12.55 24.17 -41.17
CA ASN A 26 13.45 24.58 -40.10
C ASN A 26 12.65 24.73 -38.81
N VAL A 27 13.19 24.17 -37.73
CA VAL A 27 12.45 24.00 -36.49
C VAL A 27 13.12 24.84 -35.42
N LEU A 28 12.34 25.71 -34.76
CA LEU A 28 12.81 26.48 -33.62
C LEU A 28 12.21 25.93 -32.33
N LEU A 29 13.10 25.43 -31.47
CA LEU A 29 12.72 25.01 -30.14
C LEU A 29 12.67 26.25 -29.25
N VAL A 30 11.55 26.45 -28.56
CA VAL A 30 11.39 27.59 -27.70
C VAL A 30 11.46 27.09 -26.26
N GLY A 31 12.50 27.43 -25.54
CA GLY A 31 12.77 26.90 -24.25
C GLY A 31 13.77 25.76 -24.47
N LEU A 32 14.95 25.79 -23.93
CA LEU A 32 15.87 24.72 -24.18
C LEU A 32 16.26 24.07 -22.89
N GLY A 33 15.36 23.23 -22.44
CA GLY A 33 15.48 22.49 -21.24
C GLY A 33 15.48 20.98 -21.47
N ALA A 34 15.11 20.23 -20.46
CA ALA A 34 15.13 18.78 -20.58
C ALA A 34 14.20 18.27 -21.69
N VAL A 35 12.99 18.78 -21.72
CA VAL A 35 12.05 18.38 -22.77
C VAL A 35 12.63 18.67 -24.16
N ALA A 36 13.18 19.87 -24.34
CA ALA A 36 13.69 20.27 -25.63
C ALA A 36 14.81 19.36 -26.10
N ILE A 37 15.64 18.87 -25.17
CA ILE A 37 16.76 18.02 -25.56
C ILE A 37 16.25 16.67 -26.07
N GLN A 38 15.26 16.09 -25.40
CA GLN A 38 14.64 14.86 -25.89
C GLN A 38 13.97 15.11 -27.23
N VAL A 39 13.18 16.18 -27.33
CA VAL A 39 12.52 16.50 -28.59
C VAL A 39 13.55 16.72 -29.69
N ALA A 40 14.67 17.39 -29.36
CA ALA A 40 15.72 17.60 -30.36
C ALA A 40 16.28 16.29 -30.89
N LEU A 41 16.50 15.32 -30.02
CA LEU A 41 17.00 14.01 -30.49
C LEU A 41 16.00 13.39 -31.46
N ASP A 42 14.72 13.42 -31.09
CA ASP A 42 13.70 12.84 -31.95
C ASP A 42 13.57 13.61 -33.27
N LEU A 43 13.74 14.94 -33.23
CA LEU A 43 13.65 15.71 -34.46
C LEU A 43 14.82 15.44 -35.41
N ARG A 44 16.01 15.25 -34.86
CA ARG A 44 17.19 15.00 -35.69
C ARG A 44 17.14 13.61 -36.30
N ARG A 45 16.55 12.67 -35.63
CA ARG A 45 16.38 11.35 -36.23
C ARG A 45 15.48 11.46 -37.47
N HIS A 46 14.41 12.22 -37.38
CA HIS A 46 13.44 12.39 -38.46
C HIS A 46 14.00 13.20 -39.61
N GLY A 47 14.67 14.28 -39.26
CA GLY A 47 15.34 15.16 -40.19
C GLY A 47 14.66 16.26 -40.89
N ALA A 48 15.23 16.66 -42.03
CA ALA A 48 14.68 17.72 -42.92
C ALA A 48 14.56 19.17 -42.40
N GLY A 49 15.72 19.78 -42.14
CA GLY A 49 15.92 21.16 -41.73
C GLY A 49 16.89 21.52 -40.62
N ARG A 50 17.09 22.84 -40.51
CA ARG A 50 17.92 23.45 -39.54
C ARG A 50 17.18 23.34 -38.17
N LEU A 51 17.96 23.24 -37.10
CA LEU A 51 17.43 23.15 -35.76
C LEU A 51 18.00 24.30 -34.95
N GLY A 52 17.11 25.20 -34.49
CA GLY A 52 17.51 26.32 -33.65
C GLY A 52 16.79 26.25 -32.30
N ALA A 53 17.22 27.11 -31.39
CA ALA A 53 16.56 27.20 -30.09
C ALA A 53 16.62 28.64 -29.60
N LEU A 54 15.59 29.04 -28.87
CA LEU A 54 15.47 30.33 -28.23
C LEU A 54 15.21 30.07 -26.75
N ASN A 55 16.01 30.67 -25.89
CA ASN A 55 15.79 30.62 -24.44
C ASN A 55 16.02 32.00 -23.85
N HIS A 56 15.13 32.45 -22.98
CA HIS A 56 15.24 33.81 -22.47
C HIS A 56 16.50 33.97 -21.62
N PRO A 57 16.98 35.21 -21.48
CA PRO A 57 18.25 35.44 -20.76
C PRO A 57 18.22 34.94 -19.33
N GLY A 58 19.39 34.57 -18.85
CA GLY A 58 19.50 34.03 -17.51
C GLY A 58 20.70 33.11 -17.42
N ARG A 59 20.90 32.56 -16.23
CA ARG A 59 22.09 31.75 -15.99
C ARG A 59 22.12 30.53 -16.92
N ARG A 60 20.96 29.90 -17.14
CA ARG A 60 20.93 28.74 -18.02
C ARG A 60 21.35 29.11 -19.42
N SER A 61 20.80 30.20 -19.96
CA SER A 61 21.16 30.59 -21.32
C SER A 61 22.63 30.90 -21.43
N GLN A 62 23.20 31.53 -20.39
CA GLN A 62 24.61 31.83 -20.40
C GLN A 62 25.43 30.56 -20.47
N ARG A 63 25.06 29.56 -19.63
CA ARG A 63 25.72 28.27 -19.64
C ARG A 63 25.55 27.57 -20.98
N ILE A 64 24.36 27.65 -21.56
CA ILE A 64 24.13 27.01 -22.85
C ILE A 64 25.03 27.62 -23.91
N ALA A 65 25.07 28.96 -23.97
CA ALA A 65 25.90 29.61 -24.99
C ALA A 65 27.37 29.24 -24.79
N GLU A 66 27.81 29.16 -23.53
CA GLU A 66 29.19 28.78 -23.27
C GLU A 66 29.45 27.37 -23.75
N ALA A 67 28.52 26.45 -23.48
CA ALA A 67 28.71 25.06 -23.90
C ALA A 67 28.77 24.95 -25.41
N LEU A 68 27.81 25.58 -26.10
CA LEU A 68 27.80 25.53 -27.54
C LEU A 68 29.05 26.16 -28.14
N ALA A 69 29.51 27.26 -27.56
CA ALA A 69 30.68 27.94 -28.11
C ALA A 69 31.93 27.10 -28.00
N ARG A 70 31.99 26.19 -27.04
CA ARG A 70 33.14 25.29 -26.98
C ARG A 70 32.91 23.97 -27.72
N GLY A 71 31.87 23.91 -28.56
CA GLY A 71 31.66 22.76 -29.43
C GLY A 71 30.76 21.67 -28.87
N ALA A 72 30.06 21.92 -27.76
CA ALA A 72 29.20 20.89 -27.20
C ALA A 72 27.95 20.68 -28.05
N CYS A 73 27.39 19.48 -27.97
CA CYS A 73 26.14 19.15 -28.62
C CYS A 73 25.10 18.78 -27.57
N LEU A 74 23.84 18.68 -28.00
CA LEU A 74 22.81 18.16 -27.12
C LEU A 74 23.04 16.66 -26.95
N GLN A 75 23.02 16.20 -25.71
CA GLN A 75 23.18 14.78 -25.42
C GLN A 75 21.98 14.27 -24.63
N LEU A 76 21.39 13.17 -25.10
CA LEU A 76 20.27 12.52 -24.43
C LEU A 76 20.72 11.12 -24.02
N GLU A 77 20.62 10.81 -22.75
CA GLU A 77 20.89 9.47 -22.23
C GLU A 77 19.61 8.82 -21.76
N GLY A 78 19.38 7.57 -22.16
CA GLY A 78 18.28 6.78 -21.61
C GLY A 78 18.75 5.95 -20.42
N GLN A 79 17.91 5.89 -19.40
CA GLN A 79 18.24 5.18 -18.16
C GLN A 79 17.65 3.78 -18.18
N GLY A 80 18.42 2.83 -17.66
CA GLY A 80 17.92 1.46 -17.55
C GLY A 80 17.45 0.93 -18.88
N GLN A 81 16.20 0.46 -18.91
CA GLN A 81 15.66 -0.17 -20.11
C GLN A 81 15.59 0.80 -21.28
N HIS A 82 15.61 2.11 -20.99
CA HIS A 82 15.53 3.15 -22.01
C HIS A 82 16.88 3.52 -22.59
N ARG A 83 17.94 2.81 -22.20
CA ARG A 83 19.27 3.15 -22.67
C ARG A 83 19.38 3.11 -24.19
N TRP A 84 18.51 2.36 -24.86
CA TRP A 84 18.52 2.34 -26.32
C TRP A 84 18.23 3.72 -26.92
N LEU A 85 17.58 4.60 -26.16
CA LEU A 85 17.23 5.92 -26.67
C LEU A 85 18.46 6.80 -26.89
N SER A 86 19.55 6.53 -26.18
CA SER A 86 20.61 7.52 -26.00
C SER A 86 21.21 7.96 -27.34
N GLY A 87 21.54 9.25 -27.43
CA GLY A 87 22.05 9.82 -28.67
C GLY A 87 22.47 11.26 -28.47
N ASN A 88 23.09 11.81 -29.52
CA ASN A 88 23.46 13.22 -29.55
C ASN A 88 22.81 13.92 -30.73
N ALA A 89 22.57 15.22 -30.56
CA ALA A 89 21.89 16.04 -31.56
C ALA A 89 22.62 17.37 -31.65
N ALA A 90 22.90 17.81 -32.86
CA ALA A 90 23.56 19.09 -33.08
C ALA A 90 22.52 20.18 -33.14
N LEU A 91 22.86 21.34 -32.59
CA LEU A 91 22.03 22.53 -32.65
C LEU A 91 22.68 23.53 -33.59
N ASP A 92 21.94 24.01 -34.59
CA ASP A 92 22.54 24.90 -35.58
C ASP A 92 22.72 26.31 -35.03
N VAL A 93 21.73 26.81 -34.30
CA VAL A 93 21.82 28.15 -33.76
C VAL A 93 21.10 28.19 -32.42
N PHE A 94 21.59 29.06 -31.53
CA PHE A 94 21.00 29.28 -30.24
C PHE A 94 20.89 30.78 -30.02
N HIS A 95 19.68 31.21 -29.63
CA HIS A 95 19.38 32.61 -29.37
C HIS A 95 18.94 32.78 -27.93
N GLN A 96 19.50 33.78 -27.24
CA GLN A 96 18.96 34.22 -25.96
C GLN A 96 18.49 35.66 -26.08
N ASP A 97 18.32 36.11 -27.33
CA ASP A 97 17.94 37.48 -27.66
C ASP A 97 17.01 37.35 -28.87
N PRO A 98 15.68 37.52 -28.68
CA PRO A 98 14.76 37.40 -29.83
C PRO A 98 15.04 38.39 -30.95
N ALA A 99 15.82 39.44 -30.68
CA ALA A 99 16.07 40.47 -31.67
C ALA A 99 16.84 39.94 -32.86
N GLU A 100 17.59 38.85 -32.67
CA GLU A 100 18.40 38.26 -33.72
C GLU A 100 17.63 37.26 -34.57
N LEU A 101 16.40 36.92 -34.19
CA LEU A 101 15.60 36.00 -34.98
C LEU A 101 15.17 36.65 -36.28
N ARG A 102 15.17 35.85 -37.34
CA ARG A 102 14.71 36.30 -38.62
C ARG A 102 13.72 35.27 -39.15
N ASP A 103 13.06 35.54 -40.26
CA ASP A 103 12.00 34.69 -40.76
C ASP A 103 12.53 33.47 -41.50
N ASP A 104 13.09 32.53 -40.73
CA ASP A 104 13.70 31.35 -41.22
C ASP A 104 13.11 30.07 -40.69
N TRP A 105 11.96 30.13 -40.05
CA TRP A 105 11.45 29.02 -39.25
C TRP A 105 10.07 28.63 -39.72
N GLN A 106 9.86 27.34 -39.94
CA GLN A 106 8.54 26.85 -40.34
C GLN A 106 7.79 26.22 -39.17
N THR A 107 8.50 25.71 -38.19
CA THR A 107 7.90 25.02 -37.07
C THR A 107 8.46 25.60 -35.77
N LEU A 108 7.55 25.97 -34.86
CA LEU A 108 7.94 26.32 -33.50
C LEU A 108 7.50 25.23 -32.54
N VAL A 109 8.39 24.84 -31.64
CA VAL A 109 8.07 23.83 -30.63
C VAL A 109 8.25 24.44 -29.25
N LEU A 110 7.15 24.60 -28.52
CA LEU A 110 7.19 25.23 -27.20
C LEU A 110 7.50 24.17 -26.16
N CYS A 111 8.71 24.26 -25.60
CA CYS A 111 9.25 23.35 -24.61
C CYS A 111 9.36 24.04 -23.25
N VAL A 112 8.77 25.22 -23.13
CA VAL A 112 8.71 25.95 -21.89
C VAL A 112 7.62 25.37 -21.00
N PRO A 113 7.61 25.75 -19.74
CA PRO A 113 6.50 25.35 -18.87
C PRO A 113 5.15 25.80 -19.43
N ALA A 114 4.16 24.92 -19.28
CA ALA A 114 2.86 25.19 -19.86
C ALA A 114 2.22 26.44 -19.29
N ASP A 115 2.50 26.77 -18.03
CA ASP A 115 1.92 27.99 -17.45
C ASP A 115 2.59 29.25 -17.97
N SER A 116 3.59 29.11 -18.85
CA SER A 116 4.21 30.26 -19.49
C SER A 116 3.84 30.39 -20.96
N TYR A 117 3.01 29.52 -21.50
CA TYR A 117 2.73 29.59 -22.94
C TYR A 117 2.24 30.98 -23.35
N LEU A 118 1.37 31.59 -22.56
CA LEU A 118 0.83 32.91 -22.94
C LEU A 118 1.93 33.95 -23.00
N ASP A 119 2.74 34.06 -21.92
CA ASP A 119 3.86 34.99 -21.93
C ASP A 119 4.79 34.73 -23.12
N VAL A 120 5.10 33.47 -23.35
CA VAL A 120 6.07 33.14 -24.39
C VAL A 120 5.53 33.47 -25.76
N VAL A 121 4.24 33.17 -26.03
CA VAL A 121 3.72 33.44 -27.35
C VAL A 121 3.62 34.94 -27.58
N ARG A 122 3.24 35.71 -26.55
CA ARG A 122 3.21 37.16 -26.69
C ARG A 122 4.59 37.74 -26.94
N GLY A 123 5.62 37.13 -26.37
CA GLY A 123 6.97 37.62 -26.45
C GLY A 123 7.70 37.32 -27.72
N LEU A 124 7.20 36.40 -28.53
CA LEU A 124 7.91 36.05 -29.75
C LEU A 124 7.81 37.19 -30.76
N PRO A 125 8.83 37.38 -31.58
CA PRO A 125 8.81 38.51 -32.54
C PRO A 125 8.05 38.14 -33.81
N TRP A 126 6.71 38.10 -33.71
CA TRP A 126 5.89 37.57 -34.78
C TRP A 126 6.04 38.33 -36.09
N GLU A 127 6.45 39.61 -36.03
CA GLU A 127 6.71 40.36 -37.25
C GLU A 127 7.83 39.74 -38.07
N ARG A 128 8.72 38.97 -37.43
CA ARG A 128 9.80 38.31 -38.13
C ARG A 128 9.61 36.80 -38.20
N LEU A 129 8.38 36.31 -38.00
CA LEU A 129 8.08 34.89 -38.01
C LEU A 129 6.88 34.57 -38.90
N GLY A 130 6.72 35.32 -39.99
CA GLY A 130 5.57 35.12 -40.84
C GLY A 130 5.55 33.78 -41.52
N GLY A 131 6.70 33.16 -41.71
CA GLY A 131 6.75 31.86 -42.33
C GLY A 131 6.42 30.69 -41.43
N VAL A 132 6.20 30.93 -40.13
CA VAL A 132 5.86 29.82 -39.26
C VAL A 132 4.51 29.27 -39.68
N ARG A 133 4.46 27.97 -39.91
CA ARG A 133 3.24 27.29 -40.29
C ARG A 133 2.69 26.39 -39.20
N THR A 134 3.51 25.95 -38.25
CA THR A 134 2.97 25.16 -37.14
C THR A 134 3.63 25.53 -35.82
N LEU A 135 2.85 25.47 -34.76
CA LEU A 135 3.33 25.69 -33.41
C LEU A 135 2.84 24.54 -32.54
N LEU A 136 3.76 23.78 -31.97
CA LEU A 136 3.42 22.63 -31.14
C LEU A 136 3.58 22.98 -29.67
N LEU A 137 2.52 22.70 -28.91
CA LEU A 137 2.49 22.80 -27.46
C LEU A 137 2.78 21.40 -26.92
N VAL A 138 3.96 21.22 -26.33
CA VAL A 138 4.38 19.84 -26.01
C VAL A 138 3.66 19.30 -24.77
N SER A 139 3.21 20.15 -23.89
CA SER A 139 2.45 19.71 -22.71
C SER A 139 1.26 20.65 -22.53
N ALA A 140 0.22 20.36 -23.26
CA ALA A 140 -0.95 21.21 -23.26
C ALA A 140 -1.85 20.87 -22.08
N PHE A 141 -2.81 21.75 -21.85
CA PHE A 141 -3.87 21.61 -20.86
C PHE A 141 -5.14 22.15 -21.53
N ILE A 142 -6.30 21.84 -20.91
CA ILE A 142 -7.57 22.24 -21.51
C ILE A 142 -7.60 23.75 -21.67
N GLY A 143 -7.80 24.20 -22.90
CA GLY A 143 -7.84 25.59 -23.25
C GLY A 143 -6.54 26.17 -23.78
N ALA A 144 -5.44 25.43 -23.73
CA ALA A 144 -4.15 26.00 -24.10
C ALA A 144 -4.09 26.38 -25.58
N ASN A 145 -4.60 25.49 -26.44
CA ASN A 145 -4.61 25.77 -27.87
C ASN A 145 -5.34 27.08 -28.15
N LEU A 146 -6.53 27.23 -27.56
CA LEU A 146 -7.33 28.44 -27.74
C LEU A 146 -6.62 29.67 -27.19
N LEU A 147 -5.96 29.53 -26.05
CA LEU A 147 -5.27 30.67 -25.45
C LEU A 147 -4.13 31.13 -26.35
N VAL A 148 -3.36 30.17 -26.86
CA VAL A 148 -2.25 30.50 -27.75
C VAL A 148 -2.79 31.15 -29.01
N ARG A 149 -3.85 30.60 -29.60
CA ARG A 149 -4.42 31.22 -30.79
C ARG A 149 -4.93 32.63 -30.52
N SER A 150 -5.46 32.88 -29.33
CA SER A 150 -5.95 34.22 -29.00
C SER A 150 -4.82 35.23 -29.00
N ALA A 151 -3.59 34.78 -28.71
CA ALA A 151 -2.43 35.64 -28.58
C ALA A 151 -1.68 35.86 -29.88
N LEU A 152 -1.96 35.08 -30.91
CA LEU A 152 -1.26 35.23 -32.17
C LEU A 152 -1.69 36.54 -32.82
N PRO A 153 -0.85 37.10 -33.68
CA PRO A 153 -1.25 38.30 -34.41
C PRO A 153 -2.37 38.01 -35.39
N ALA A 154 -3.12 39.06 -35.71
CA ALA A 154 -4.24 38.90 -36.61
C ALA A 154 -3.78 38.38 -37.96
N GLY A 155 -4.53 37.43 -38.50
CA GLY A 155 -4.16 36.83 -39.77
C GLY A 155 -3.01 35.86 -39.71
N CYS A 156 -2.45 35.57 -38.54
CA CYS A 156 -1.45 34.53 -38.43
C CYS A 156 -2.05 33.23 -38.96
N GLN A 157 -1.34 32.56 -39.85
CA GLN A 157 -1.88 31.30 -40.38
C GLN A 157 -1.07 30.11 -39.88
N ALA A 158 -0.47 30.23 -38.70
CA ALA A 158 0.14 29.09 -38.05
C ALA A 158 -0.93 28.20 -37.42
N THR A 159 -0.88 26.90 -37.75
CA THR A 159 -1.65 25.88 -37.05
C THR A 159 -1.03 25.62 -35.69
N VAL A 160 -1.88 25.50 -34.69
CA VAL A 160 -1.42 25.22 -33.33
C VAL A 160 -1.79 23.79 -33.00
N LEU A 161 -0.80 23.01 -32.57
CA LEU A 161 -0.97 21.63 -32.18
C LEU A 161 -0.85 21.49 -30.67
N SER A 162 -1.74 20.69 -30.07
CA SER A 162 -1.68 20.38 -28.65
C SER A 162 -1.33 18.91 -28.47
N LEU A 163 -0.14 18.65 -27.92
CA LEU A 163 0.18 17.32 -27.40
C LEU A 163 -0.34 17.15 -25.97
N SER A 164 -0.92 15.97 -25.69
CA SER A 164 -1.63 15.82 -24.43
C SER A 164 -0.71 16.01 -23.23
N SER A 165 0.44 15.36 -23.24
CA SER A 165 1.38 15.34 -22.15
C SER A 165 2.76 15.21 -22.78
N TYR A 166 3.77 15.74 -22.11
CA TYR A 166 5.12 15.36 -22.51
C TYR A 166 5.23 13.84 -22.46
N TYR A 167 5.93 13.27 -23.42
CA TYR A 167 5.85 11.83 -23.67
C TYR A 167 6.88 11.01 -22.91
N ALA A 168 7.62 11.63 -21.99
CA ALA A 168 8.67 10.93 -21.26
C ALA A 168 8.83 11.58 -19.90
N ALA A 169 9.82 11.09 -19.15
CA ALA A 169 10.29 11.72 -17.93
C ALA A 169 11.78 12.01 -18.16
N THR A 170 12.13 13.29 -18.20
CA THR A 170 13.46 13.71 -18.60
C THR A 170 13.95 14.81 -17.68
N LYS A 171 15.25 14.77 -17.34
CA LYS A 171 15.83 15.77 -16.44
C LYS A 171 17.22 16.15 -16.92
N VAL A 172 17.57 17.42 -16.76
CA VAL A 172 18.95 17.83 -16.95
C VAL A 172 19.70 17.41 -15.69
N ILE A 173 20.63 16.46 -15.85
CA ILE A 173 21.31 15.82 -14.74
C ILE A 173 22.00 16.86 -13.85
N ASP A 174 22.79 17.71 -14.48
CA ASP A 174 23.77 18.60 -13.86
C ASP A 174 23.68 19.92 -14.61
N GLU A 175 23.16 20.96 -13.95
CA GLU A 175 22.96 22.22 -14.66
C GLU A 175 24.26 22.81 -15.18
N THR A 176 25.39 22.34 -14.65
CA THR A 176 26.72 22.70 -15.11
C THR A 176 27.02 22.17 -16.51
N GLN A 177 26.29 21.15 -16.96
CA GLN A 177 26.36 20.65 -18.33
C GLN A 177 24.93 20.75 -18.84
N PRO A 178 24.49 21.96 -19.18
CA PRO A 178 23.05 22.21 -19.42
C PRO A 178 22.50 21.48 -20.60
N LEU A 179 23.36 20.96 -21.47
CA LEU A 179 22.89 20.34 -22.70
C LEU A 179 22.76 18.82 -22.59
N ARG A 180 22.96 18.25 -21.39
CA ARG A 180 22.91 16.80 -21.24
C ARG A 180 21.74 16.40 -20.36
N ALA A 181 20.84 15.58 -20.90
CA ALA A 181 19.63 15.21 -20.21
C ALA A 181 19.52 13.70 -20.11
N LEU A 182 18.74 13.26 -19.14
CA LEU A 182 18.52 11.84 -18.83
C LEU A 182 17.02 11.56 -18.93
N THR A 183 16.64 10.61 -19.78
CA THR A 183 15.25 10.19 -19.87
C THR A 183 15.10 8.85 -19.13
N LYS A 184 14.27 8.84 -18.08
CA LYS A 184 14.14 7.69 -17.17
C LYS A 184 12.86 6.90 -17.39
N ALA A 185 11.90 7.46 -18.11
CA ALA A 185 10.63 6.80 -18.39
C ALA A 185 10.11 7.32 -19.73
N VAL A 186 9.31 6.51 -20.39
CA VAL A 186 8.70 6.89 -21.65
C VAL A 186 7.27 6.37 -21.61
N LYS A 187 6.33 7.20 -21.99
CA LYS A 187 4.93 6.81 -21.94
C LYS A 187 4.62 5.85 -23.07
N ARG A 188 3.58 5.05 -22.85
CA ARG A 188 3.15 4.15 -23.91
C ARG A 188 2.43 4.93 -25.02
N ARG A 189 1.59 5.89 -24.63
CA ARG A 189 0.72 6.56 -25.57
C ARG A 189 0.47 7.99 -25.10
N VAL A 190 0.43 8.89 -26.09
CA VAL A 190 -0.02 10.27 -25.91
C VAL A 190 -0.94 10.60 -27.09
N TYR A 191 -1.53 11.79 -27.04
CA TYR A 191 -2.58 12.18 -27.98
C TYR A 191 -2.29 13.55 -28.56
N LEU A 192 -2.75 13.78 -29.78
CA LEU A 192 -2.36 15.00 -30.49
C LEU A 192 -3.56 15.56 -31.22
N GLY A 193 -3.90 16.83 -30.94
CA GLY A 193 -4.94 17.53 -31.64
C GLY A 193 -4.37 18.79 -32.29
N SER A 194 -5.16 19.34 -33.20
CA SER A 194 -4.72 20.46 -34.02
C SER A 194 -5.85 21.44 -34.23
N SER A 195 -5.50 22.71 -34.33
CA SER A 195 -6.47 23.75 -34.57
C SER A 195 -7.03 23.68 -36.00
N ARG A 196 -6.35 22.96 -36.85
CA ARG A 196 -6.80 22.75 -38.21
C ARG A 196 -7.52 21.39 -38.30
N PRO A 197 -8.77 21.34 -38.81
CA PRO A 197 -9.41 20.04 -38.94
C PRO A 197 -8.70 19.11 -39.88
N ASP A 198 -8.72 17.83 -39.57
CA ASP A 198 -8.03 16.82 -40.37
C ASP A 198 -6.60 17.25 -40.71
N CYS A 199 -5.85 17.61 -39.67
CA CYS A 199 -4.54 18.25 -39.84
C CYS A 199 -3.48 17.22 -40.24
N PRO A 200 -2.72 17.48 -41.32
CA PRO A 200 -1.69 16.53 -41.74
C PRO A 200 -0.44 16.57 -40.89
N ALA A 201 -0.23 17.63 -40.13
CA ALA A 201 0.94 17.72 -39.28
C ALA A 201 0.90 16.69 -38.16
N ARG A 202 -0.30 16.23 -37.79
CA ARG A 202 -0.41 15.25 -36.71
C ARG A 202 0.38 14.01 -37.07
N GLU A 203 0.31 13.57 -38.34
CA GLU A 203 1.01 12.34 -38.72
C GLU A 203 2.53 12.54 -38.67
N THR A 204 3.01 13.71 -39.08
CA THR A 204 4.44 14.02 -38.97
C THR A 204 4.93 13.83 -37.55
N TRP A 205 4.21 14.38 -36.58
CA TRP A 205 4.62 14.24 -35.18
C TRP A 205 4.41 12.85 -34.66
N ARG A 206 3.42 12.10 -35.21
CA ARG A 206 3.32 10.70 -34.85
C ARG A 206 4.64 10.02 -35.16
N ARG A 207 5.17 10.28 -36.36
CA ARG A 207 6.42 9.65 -36.77
C ARG A 207 7.58 10.12 -35.90
N VAL A 208 7.66 11.43 -35.63
CA VAL A 208 8.78 11.93 -34.84
C VAL A 208 8.84 11.23 -33.48
N LEU A 209 7.70 11.18 -32.76
CA LEU A 209 7.70 10.57 -31.43
C LEU A 209 7.80 9.05 -31.47
N ALA A 210 7.35 8.42 -32.56
CA ALA A 210 7.49 6.98 -32.66
C ALA A 210 8.94 6.58 -32.60
N GLY A 211 9.84 7.45 -33.01
CA GLY A 211 11.27 7.18 -32.93
C GLY A 211 11.73 6.85 -31.53
N SER A 212 11.05 7.36 -30.52
CA SER A 212 11.37 7.04 -29.14
C SER A 212 10.42 6.03 -28.53
N GLY A 213 9.57 5.41 -29.35
CA GLY A 213 8.74 4.33 -28.90
C GLY A 213 7.38 4.72 -28.40
N VAL A 214 7.01 5.99 -28.50
CA VAL A 214 5.71 6.45 -28.01
C VAL A 214 4.72 6.39 -29.16
N GLU A 215 3.52 5.89 -28.87
CA GLU A 215 2.43 5.90 -29.84
C GLU A 215 1.66 7.21 -29.67
N VAL A 216 1.60 7.99 -30.72
CA VAL A 216 0.80 9.21 -30.75
C VAL A 216 -0.52 8.89 -31.42
N VAL A 217 -1.62 9.14 -30.71
CA VAL A 217 -2.95 8.92 -31.24
C VAL A 217 -3.52 10.29 -31.66
N PRO A 218 -3.81 10.49 -32.93
CA PRO A 218 -4.44 11.74 -33.35
C PRO A 218 -5.90 11.78 -32.92
N LEU A 219 -6.31 12.93 -32.40
CA LEU A 219 -7.70 13.17 -32.03
C LEU A 219 -8.24 14.37 -32.80
N ALA A 220 -9.57 14.51 -32.80
CA ALA A 220 -10.20 15.37 -33.81
C ALA A 220 -10.18 16.85 -33.44
N THR A 221 -9.93 17.20 -32.18
CA THR A 221 -9.87 18.60 -31.79
C THR A 221 -8.75 18.74 -30.77
N PRO A 222 -8.28 19.98 -30.55
CA PRO A 222 -7.21 20.17 -29.54
C PRO A 222 -7.67 19.80 -28.15
N GLU A 223 -8.93 20.12 -27.81
CA GLU A 223 -9.37 19.94 -26.43
C GLU A 223 -9.49 18.47 -26.10
N ALA A 224 -9.77 17.63 -27.09
CA ALA A 224 -9.77 16.19 -26.83
C ALA A 224 -8.38 15.69 -26.42
N ALA A 225 -7.33 16.18 -27.07
CA ALA A 225 -5.97 15.85 -26.65
C ALA A 225 -5.66 16.47 -25.30
N GLU A 226 -6.01 17.75 -25.13
CA GLU A 226 -5.72 18.45 -23.86
C GLU A 226 -6.40 17.78 -22.68
N GLY A 227 -7.56 17.24 -22.92
CA GLY A 227 -8.27 16.48 -21.92
C GLY A 227 -7.54 15.21 -21.49
N ARG A 228 -6.52 14.76 -22.20
CA ARG A 228 -5.72 13.66 -21.80
C ARG A 228 -4.34 14.07 -21.17
N ASN A 229 -4.21 15.28 -20.64
CA ASN A 229 -2.99 15.69 -19.99
C ASN A 229 -2.99 15.01 -18.64
N VAL A 230 -1.99 14.19 -18.42
CA VAL A 230 -1.97 13.33 -17.23
C VAL A 230 -1.79 14.16 -15.97
N THR A 231 -0.94 15.19 -16.00
CA THR A 231 -0.65 15.91 -14.77
C THR A 231 -1.86 16.63 -14.22
N THR A 232 -2.76 17.10 -15.09
CA THR A 232 -3.96 17.77 -14.61
C THR A 232 -4.75 16.83 -13.68
N TYR A 233 -4.87 15.56 -14.05
CA TYR A 233 -5.66 14.63 -13.27
C TYR A 233 -4.95 14.17 -12.00
N VAL A 234 -3.63 14.12 -11.99
CA VAL A 234 -2.86 13.49 -10.90
C VAL A 234 -2.27 14.53 -9.96
N HIS A 235 -1.61 15.53 -10.53
CA HIS A 235 -1.00 16.55 -9.68
C HIS A 235 -2.03 17.39 -8.96
N SER A 236 -3.16 17.67 -9.57
CA SER A 236 -4.16 18.51 -8.90
C SER A 236 -4.62 17.91 -7.59
N PRO A 237 -5.12 16.67 -7.54
CA PRO A 237 -5.59 16.14 -6.25
C PRO A 237 -4.46 15.82 -5.29
N PHE A 238 -3.29 15.41 -5.78
CA PHE A 238 -2.27 14.95 -4.86
C PHE A 238 -1.37 16.07 -4.35
N PHE A 239 -1.06 17.08 -5.18
CA PHE A 239 -0.01 18.04 -4.84
C PHE A 239 -0.55 19.42 -4.52
N LEU A 240 -1.88 19.60 -4.56
CA LEU A 240 -2.51 20.82 -4.07
C LEU A 240 -3.14 20.66 -2.70
N GLY A 241 -3.00 19.47 -2.10
CA GLY A 241 -3.57 19.21 -0.80
C GLY A 241 -2.63 19.61 0.33
N GLU A 242 -3.16 19.45 1.54
CA GLU A 242 -2.47 19.92 2.73
C GLU A 242 -1.13 19.23 2.90
N PHE A 243 -1.08 17.90 2.74
CA PHE A 243 0.17 17.20 2.99
C PHE A 243 1.27 17.68 2.06
N ALA A 244 0.99 17.69 0.75
CA ALA A 244 2.01 18.09 -0.20
C ALA A 244 2.51 19.50 0.09
N LEU A 245 1.57 20.42 0.30
CA LEU A 245 1.97 21.81 0.52
C LEU A 245 2.80 21.96 1.78
N ALA A 246 2.53 21.16 2.81
CA ALA A 246 3.32 21.23 4.03
C ALA A 246 4.76 20.79 3.77
N ARG A 247 4.94 19.79 2.90
CA ARG A 247 6.28 19.37 2.52
C ARG A 247 6.96 20.41 1.65
N ILE A 248 6.24 20.90 0.63
CA ILE A 248 6.83 21.80 -0.36
C ILE A 248 7.25 23.11 0.28
N LEU A 249 6.48 23.59 1.26
CA LEU A 249 6.74 24.88 1.90
C LEU A 249 7.67 24.76 3.10
N SER A 250 8.09 23.54 3.43
CA SER A 250 8.99 23.31 4.55
C SER A 250 10.43 23.60 4.14
N GLU A 251 11.24 23.95 5.13
CA GLU A 251 12.67 24.11 5.01
C GLU A 251 13.46 23.06 5.76
N GLN A 252 13.03 22.75 6.97
CA GLN A 252 13.63 21.73 7.82
C GLN A 252 12.80 20.47 7.73
N GLY A 253 13.43 19.35 8.03
CA GLY A 253 12.74 18.09 8.04
C GLY A 253 12.80 17.40 6.70
N PRO A 254 12.34 16.16 6.65
CA PRO A 254 12.43 15.40 5.41
C PRO A 254 11.47 15.95 4.38
N PRO A 255 11.84 15.93 3.10
CA PRO A 255 10.91 16.42 2.07
C PRO A 255 9.71 15.52 1.82
N GLY A 256 9.71 14.28 2.30
CA GLY A 256 8.65 13.35 1.94
C GLY A 256 8.71 12.93 0.48
N PHE A 257 7.75 12.08 0.08
CA PHE A 257 7.77 11.40 -1.19
C PHE A 257 6.44 11.60 -1.91
N MET A 258 6.53 11.91 -3.21
CA MET A 258 5.37 12.40 -3.94
C MET A 258 4.29 11.34 -4.12
N TYR A 259 4.66 10.05 -4.25
CA TYR A 259 3.68 9.03 -4.60
C TYR A 259 3.54 7.96 -3.52
N LYS A 260 3.99 8.25 -2.30
CA LYS A 260 3.79 7.34 -1.18
C LYS A 260 2.47 7.65 -0.45
N LEU A 261 2.06 6.68 0.36
CA LEU A 261 0.88 6.82 1.18
C LEU A 261 1.21 7.62 2.44
N TYR A 262 0.21 8.26 3.00
CA TYR A 262 0.38 8.98 4.26
C TYR A 262 0.86 7.98 5.31
N PRO A 263 1.82 8.34 6.16
CA PRO A 263 2.43 9.66 6.37
C PRO A 263 3.75 9.91 5.62
N GLU A 264 4.15 9.00 4.73
CA GLU A 264 5.38 9.20 3.96
C GLU A 264 5.15 10.10 2.75
N GLY A 265 3.91 10.12 2.25
CA GLY A 265 3.53 10.88 1.09
C GLY A 265 2.07 11.30 1.19
N PRO A 266 1.53 11.91 0.14
CA PRO A 266 0.21 12.55 0.22
C PRO A 266 -0.98 11.66 -0.09
N ILE A 267 -0.74 10.42 -0.49
CA ILE A 267 -1.83 9.61 -1.00
C ILE A 267 -2.62 9.05 0.17
N THR A 268 -3.90 9.41 0.20
CA THR A 268 -4.88 9.02 1.20
C THR A 268 -6.18 8.69 0.49
N PRO A 269 -7.13 8.02 1.14
CA PRO A 269 -8.47 7.88 0.53
C PRO A 269 -9.13 9.21 0.19
N GLY A 270 -8.92 10.24 0.99
CA GLY A 270 -9.45 11.54 0.64
C GLY A 270 -8.85 12.13 -0.62
N ALA A 271 -7.54 11.95 -0.83
CA ALA A 271 -6.91 12.40 -2.05
C ALA A 271 -7.45 11.65 -3.25
N ILE A 272 -7.67 10.34 -3.12
CA ILE A 272 -8.28 9.54 -4.18
C ILE A 272 -9.70 9.98 -4.46
N GLY A 273 -10.46 10.33 -3.42
CA GLY A 273 -11.80 10.85 -3.68
C GLY A 273 -11.75 12.17 -4.43
N ALA A 274 -10.79 13.02 -4.10
CA ALA A 274 -10.64 14.27 -4.83
C ALA A 274 -10.27 14.01 -6.28
N MET A 275 -9.43 13.00 -6.52
CA MET A 275 -9.04 12.63 -7.87
C MET A 275 -10.26 12.21 -8.67
N ARG A 276 -11.08 11.33 -8.10
CA ARG A 276 -12.28 10.89 -8.79
C ARG A 276 -13.20 12.07 -9.08
N ARG A 277 -13.47 12.91 -8.07
CA ARG A 277 -14.44 13.99 -8.24
C ARG A 277 -13.94 15.01 -9.24
N LEU A 278 -12.63 15.32 -9.22
CA LEU A 278 -12.08 16.22 -10.23
C LEU A 278 -12.18 15.63 -11.62
N TRP A 279 -11.94 14.33 -11.75
CA TRP A 279 -12.05 13.70 -13.06
C TRP A 279 -13.47 13.82 -13.60
N CYS A 280 -14.45 13.70 -12.71
CA CYS A 280 -15.83 13.91 -13.13
C CYS A 280 -16.06 15.33 -13.61
N GLU A 281 -15.53 16.32 -12.87
CA GLU A 281 -15.72 17.72 -13.25
C GLU A 281 -15.06 18.03 -14.59
N LEU A 282 -13.83 17.56 -14.77
CA LEU A 282 -13.10 17.79 -16.00
C LEU A 282 -13.77 17.11 -17.17
N SER A 283 -14.32 15.93 -16.95
CA SER A 283 -15.03 15.20 -18.00
C SER A 283 -16.24 15.97 -18.48
N GLU A 284 -16.99 16.60 -17.55
CA GLU A 284 -18.16 17.39 -17.93
C GLU A 284 -17.74 18.62 -18.71
N LEU A 285 -16.65 19.27 -18.29
CA LEU A 285 -16.14 20.41 -19.05
C LEU A 285 -15.78 19.98 -20.47
N LEU A 286 -15.06 18.87 -20.61
CA LEU A 286 -14.73 18.38 -21.94
C LEU A 286 -15.99 18.15 -22.77
N ARG A 287 -17.02 17.54 -22.19
CA ARG A 287 -18.24 17.30 -22.98
C ARG A 287 -18.83 18.61 -23.46
N ARG A 288 -18.81 19.63 -22.63
CA ARG A 288 -19.38 20.92 -23.03
C ARG A 288 -18.54 21.61 -24.09
N MET A 289 -17.27 21.25 -24.22
CA MET A 289 -16.45 21.75 -25.32
C MET A 289 -16.40 20.80 -26.51
N GLY A 290 -17.27 19.79 -26.51
CA GLY A 290 -17.29 18.89 -27.65
C GLY A 290 -16.16 17.91 -27.70
N ALA A 291 -15.67 17.44 -26.56
CA ALA A 291 -14.60 16.48 -26.54
C ALA A 291 -15.05 15.30 -25.71
N GLU A 292 -14.62 14.13 -26.11
CA GLU A 292 -14.96 12.90 -25.40
C GLU A 292 -14.04 12.73 -24.18
N PRO A 293 -14.60 12.54 -22.99
CA PRO A 293 -13.78 12.32 -21.80
C PRO A 293 -13.07 10.98 -21.86
N LEU A 294 -12.14 10.79 -20.91
CA LEU A 294 -11.37 9.57 -20.82
C LEU A 294 -11.83 8.72 -19.65
N ASN A 295 -11.49 7.43 -19.74
CA ASN A 295 -11.62 6.46 -18.65
C ASN A 295 -10.37 6.60 -17.80
N LEU A 296 -10.49 7.20 -16.61
CA LEU A 296 -9.29 7.60 -15.89
C LEU A 296 -8.40 6.40 -15.57
N LEU A 297 -8.98 5.31 -15.04
CA LEU A 297 -8.15 4.17 -14.67
C LEU A 297 -7.44 3.56 -15.87
N ARG A 298 -8.15 3.40 -16.98
CA ARG A 298 -7.56 2.82 -18.19
C ARG A 298 -6.46 3.72 -18.74
N PHE A 299 -6.71 5.03 -18.75
CA PHE A 299 -5.70 5.99 -19.15
C PHE A 299 -4.44 5.86 -18.31
N LEU A 300 -4.60 5.86 -17.00
CA LEU A 300 -3.44 5.75 -16.12
C LEU A 300 -2.71 4.44 -16.33
N ASN A 301 -3.45 3.34 -16.40
CA ASN A 301 -2.81 2.01 -16.49
C ASN A 301 -2.22 1.77 -17.86
N ASP A 302 -2.98 2.03 -18.93
CA ASP A 302 -2.60 1.61 -20.26
C ASP A 302 -1.71 2.63 -20.94
N ASP A 303 -1.89 3.91 -20.66
CA ASP A 303 -1.14 4.92 -21.38
C ASP A 303 0.11 5.37 -20.64
N ASN A 304 0.14 5.20 -19.31
CA ASN A 304 1.19 5.80 -18.50
C ASN A 304 2.01 4.72 -17.80
N TYR A 305 1.43 3.95 -16.88
CA TYR A 305 2.19 2.86 -16.29
C TYR A 305 1.28 1.77 -15.73
N PRO A 306 1.50 0.50 -16.10
CA PRO A 306 0.55 -0.55 -15.75
C PRO A 306 0.90 -1.30 -14.47
N VAL A 307 -0.08 -2.07 -14.00
CA VAL A 307 0.11 -3.06 -12.95
C VAL A 307 -0.46 -4.40 -13.40
N HIS A 308 -0.27 -5.41 -12.55
CA HIS A 308 -0.67 -6.76 -12.90
C HIS A 308 -2.18 -6.93 -12.81
N GLU A 309 -2.68 -7.91 -13.56
CA GLU A 309 -4.09 -8.27 -13.55
C GLU A 309 -4.57 -8.62 -12.15
N THR A 310 -3.71 -9.21 -11.31
CA THR A 310 -4.21 -9.57 -9.98
C THR A 310 -4.47 -8.34 -9.13
N MET A 311 -3.85 -7.21 -9.47
CA MET A 311 -4.16 -5.99 -8.73
C MET A 311 -5.29 -5.20 -9.39
N LEU A 312 -5.24 -5.05 -10.71
CA LEU A 312 -6.30 -4.39 -11.49
C LEU A 312 -6.76 -5.30 -12.60
N PRO A 313 -7.83 -6.07 -12.41
CA PRO A 313 -8.36 -6.92 -13.49
C PRO A 313 -8.74 -6.10 -14.71
N ARG A 314 -8.44 -6.64 -15.90
CA ARG A 314 -8.79 -5.94 -17.13
C ARG A 314 -10.26 -5.55 -17.18
N ALA A 315 -11.14 -6.43 -16.69
CA ALA A 315 -12.56 -6.07 -16.72
C ALA A 315 -12.84 -4.85 -15.84
N SER A 316 -12.09 -4.70 -14.74
CA SER A 316 -12.27 -3.55 -13.88
C SER A 316 -11.72 -2.30 -14.54
N ILE A 317 -10.60 -2.44 -15.24
CA ILE A 317 -10.02 -1.30 -15.95
C ILE A 317 -10.99 -0.82 -17.03
N ASP A 318 -11.44 -1.74 -17.90
CA ASP A 318 -12.28 -1.33 -19.01
C ASP A 318 -13.63 -0.81 -18.52
N GLY A 319 -14.17 -1.36 -17.44
CA GLY A 319 -15.47 -0.99 -16.94
C GLY A 319 -15.50 0.18 -15.98
N PHE A 320 -14.36 0.79 -15.73
CA PHE A 320 -14.22 1.78 -14.66
C PHE A 320 -15.25 2.89 -14.71
N ALA A 321 -15.55 3.38 -15.91
CA ALA A 321 -16.40 4.57 -15.98
C ALA A 321 -17.83 4.27 -15.58
N GLU A 322 -18.25 3.00 -15.60
CA GLU A 322 -19.59 2.63 -15.17
C GLU A 322 -19.63 1.98 -13.79
N ALA A 323 -18.50 1.99 -13.05
CA ALA A 323 -18.39 1.21 -11.84
C ALA A 323 -19.03 1.84 -10.62
N GLY A 324 -19.35 3.10 -10.61
CA GLY A 324 -19.87 3.58 -9.36
C GLY A 324 -18.78 4.13 -8.46
N ALA A 325 -19.09 5.16 -7.69
CA ALA A 325 -18.05 5.97 -7.08
C ALA A 325 -17.19 5.17 -6.10
N GLU A 326 -17.81 4.35 -5.25
CA GLU A 326 -17.04 3.60 -4.25
C GLU A 326 -16.05 2.67 -4.93
N ARG A 327 -16.51 1.89 -5.91
CA ARG A 327 -15.60 1.00 -6.63
C ARG A 327 -14.53 1.79 -7.37
N GLN A 328 -14.89 2.93 -7.98
CA GLN A 328 -13.90 3.74 -8.67
C GLN A 328 -12.81 4.17 -7.72
N GLU A 329 -13.18 4.64 -6.53
CA GLU A 329 -12.16 5.11 -5.59
C GLU A 329 -11.30 3.94 -5.10
N TYR A 330 -11.92 2.81 -4.80
CA TYR A 330 -11.14 1.63 -4.43
C TYR A 330 -10.13 1.28 -5.50
N LEU A 331 -10.56 1.24 -6.76
CA LEU A 331 -9.65 0.88 -7.84
C LEU A 331 -8.50 1.85 -7.97
N LEU A 332 -8.79 3.16 -7.92
CA LEU A 332 -7.71 4.16 -7.97
C LEU A 332 -6.73 3.99 -6.81
N PHE A 333 -7.24 3.73 -5.59
CA PHE A 333 -6.35 3.56 -4.46
C PHE A 333 -5.46 2.35 -4.69
N VAL A 334 -6.06 1.22 -5.10
CA VAL A 334 -5.29 0.01 -5.39
C VAL A 334 -4.21 0.31 -6.41
N ARG A 335 -4.57 1.05 -7.47
CA ARG A 335 -3.61 1.37 -8.51
C ARG A 335 -2.37 2.04 -7.93
N TYR A 336 -2.55 3.07 -7.10
CA TYR A 336 -1.40 3.77 -6.55
C TYR A 336 -0.67 2.95 -5.50
N ALA A 337 -1.39 2.17 -4.70
CA ALA A 337 -0.72 1.29 -3.74
C ALA A 337 0.08 0.20 -4.47
N ALA A 338 -0.43 -0.25 -5.61
CA ALA A 338 0.24 -1.28 -6.41
C ALA A 338 1.52 -0.74 -7.03
N LEU A 339 1.64 0.57 -7.16
CA LEU A 339 2.82 1.21 -7.76
C LEU A 339 3.75 1.82 -6.72
N LEU A 340 3.56 1.50 -5.44
CA LEU A 340 4.54 1.94 -4.45
C LEU A 340 5.91 1.35 -4.78
N VAL A 341 5.94 0.14 -5.31
CA VAL A 341 7.11 -0.41 -5.97
C VAL A 341 6.76 -0.60 -7.44
N ASP A 342 7.79 -0.84 -8.25
CA ASP A 342 7.58 -1.13 -9.66
C ASP A 342 7.34 -2.64 -9.77
N PRO A 343 6.11 -3.10 -10.01
CA PRO A 343 5.87 -4.55 -9.94
C PRO A 343 6.49 -5.29 -11.09
N PHE A 344 6.92 -4.59 -12.14
CA PHE A 344 7.57 -5.25 -13.25
C PHE A 344 9.08 -5.17 -13.19
N SER A 345 9.64 -4.48 -12.20
CA SER A 345 11.07 -4.49 -11.97
C SER A 345 11.54 -5.86 -11.48
N PRO A 346 12.82 -6.18 -11.69
CA PRO A 346 13.34 -7.43 -11.14
C PRO A 346 13.34 -7.42 -9.63
N ALA A 347 13.00 -8.56 -9.04
CA ALA A 347 13.11 -8.68 -7.60
C ALA A 347 14.59 -8.77 -7.20
N ASP A 348 14.91 -8.23 -6.04
CA ASP A 348 16.26 -8.38 -5.53
C ASP A 348 16.36 -9.69 -4.74
N GLU A 349 17.54 -9.90 -4.16
CA GLU A 349 17.83 -11.12 -3.41
C GLU A 349 16.82 -11.36 -2.29
N GLN A 350 16.25 -10.30 -1.71
CA GLN A 350 15.28 -10.49 -0.64
C GLN A 350 13.84 -10.31 -1.09
N GLY A 351 13.56 -10.38 -2.40
CA GLY A 351 12.20 -10.37 -2.90
C GLY A 351 11.59 -9.00 -3.05
N ARG A 352 12.38 -7.95 -2.94
CA ARG A 352 11.88 -6.59 -3.00
C ARG A 352 11.99 -6.04 -4.41
N HIS A 353 11.07 -5.17 -4.77
CA HIS A 353 11.06 -4.56 -6.09
C HIS A 353 11.49 -3.09 -5.98
N PHE A 354 11.75 -2.49 -7.12
CA PHE A 354 12.28 -1.14 -7.15
C PHE A 354 11.29 -0.18 -6.48
N ASP A 355 11.83 0.76 -5.70
CA ASP A 355 11.00 1.72 -4.96
C ASP A 355 10.59 2.87 -5.88
N PHE A 356 9.56 2.59 -6.67
CA PHE A 356 9.10 3.48 -7.73
C PHE A 356 8.48 4.75 -7.17
N SER A 357 7.99 4.67 -5.98
CA SER A 357 7.34 5.80 -5.35
C SER A 357 8.19 6.75 -4.55
N ALA A 358 9.47 6.53 -4.43
CA ALA A 358 10.30 7.38 -3.72
C ALA A 358 10.86 8.57 -4.50
N VAL A 359 10.00 9.40 -5.04
CA VAL A 359 10.41 10.58 -5.74
C VAL A 359 10.23 11.63 -4.64
N PRO A 360 11.31 12.29 -4.24
CA PRO A 360 11.17 13.28 -3.16
C PRO A 360 10.47 14.53 -3.69
N PHE A 361 9.74 15.18 -2.79
CA PHE A 361 9.22 16.51 -3.09
C PHE A 361 10.37 17.49 -3.25
N ARG A 362 10.36 18.27 -4.33
CA ARG A 362 11.12 19.52 -4.39
C ARG A 362 10.44 20.57 -3.51
N ARG A 363 11.25 21.43 -2.88
CA ARG A 363 10.72 22.40 -1.94
C ARG A 363 11.08 23.82 -2.33
N VAL A 364 10.45 24.77 -1.66
CA VAL A 364 10.73 26.19 -1.83
C VAL A 364 12.23 26.43 -1.69
N SER A 365 12.73 27.43 -2.42
CA SER A 365 14.14 27.78 -2.39
C SER A 365 14.25 29.25 -2.74
N ARG A 366 15.32 29.85 -2.28
CA ARG A 366 15.61 31.23 -2.52
C ARG A 366 16.28 31.41 -3.86
N ASP A 367 15.89 32.43 -4.59
CA ASP A 367 16.46 32.72 -5.86
C ASP A 367 17.67 33.67 -5.69
N GLU A 368 18.21 34.12 -6.80
CA GLU A 368 19.35 35.00 -6.76
C GLU A 368 19.11 36.39 -6.14
N ASP A 369 17.87 36.83 -5.99
CA ASP A 369 17.52 38.04 -5.33
C ASP A 369 17.14 37.79 -3.89
N GLY A 370 17.30 36.57 -3.41
CA GLY A 370 16.94 36.21 -2.06
C GLY A 370 15.47 36.00 -1.83
N LEU A 371 14.68 35.84 -2.89
CA LEU A 371 13.23 35.68 -2.74
C LEU A 371 12.86 34.20 -2.82
N TRP A 372 11.93 33.79 -1.95
CA TRP A 372 11.40 32.43 -2.01
C TRP A 372 10.66 32.22 -3.33
N ARG A 373 10.95 31.08 -3.96
CA ARG A 373 10.23 30.62 -5.13
C ARG A 373 9.65 29.24 -4.88
N LEU A 374 8.50 28.99 -5.46
CA LEU A 374 7.92 27.66 -5.44
C LEU A 374 8.47 26.77 -6.55
N PRO A 375 8.56 25.47 -6.29
CA PRO A 375 8.90 24.59 -7.37
C PRO A 375 7.74 24.48 -8.38
N ARG A 376 8.07 23.96 -9.54
CA ARG A 376 7.11 23.77 -10.60
C ARG A 376 5.90 22.95 -10.13
N VAL A 377 6.15 21.87 -9.40
CA VAL A 377 5.13 21.18 -8.70
C VAL A 377 5.16 21.82 -7.33
N PRO A 378 4.19 22.67 -6.97
CA PRO A 378 2.85 22.76 -7.56
C PRO A 378 2.49 24.07 -8.28
N LEU A 379 3.42 25.02 -8.43
CA LEU A 379 3.06 26.30 -9.00
C LEU A 379 2.43 26.14 -10.39
N GLU A 380 3.04 25.34 -11.26
CA GLU A 380 2.50 25.11 -12.59
C GLU A 380 1.14 24.40 -12.51
N ASP A 381 1.03 23.41 -11.63
CA ASP A 381 -0.24 22.70 -11.50
C ASP A 381 -1.36 23.61 -11.00
N TYR A 382 -1.06 24.51 -10.05
CA TYR A 382 -2.07 25.45 -9.59
C TYR A 382 -2.49 26.39 -10.71
N ARG A 383 -1.52 26.93 -11.43
CA ARG A 383 -1.86 27.93 -12.44
C ARG A 383 -2.67 27.30 -13.55
N LYS A 384 -2.35 26.06 -13.92
CA LYS A 384 -3.16 25.37 -14.92
C LYS A 384 -4.59 25.19 -14.43
N LEU A 385 -4.78 24.67 -13.21
CA LEU A 385 -6.12 24.37 -12.72
C LEU A 385 -6.91 25.64 -12.51
N ALA A 386 -6.26 26.69 -12.00
CA ALA A 386 -6.95 27.97 -11.87
C ALA A 386 -7.51 28.47 -13.21
N LEU A 387 -6.75 28.30 -14.29
CA LEU A 387 -7.23 28.73 -15.60
C LEU A 387 -8.41 27.87 -16.05
N ILE A 388 -8.30 26.55 -15.85
CA ILE A 388 -9.38 25.65 -16.24
C ILE A 388 -10.67 26.00 -15.52
N VAL A 389 -10.60 26.25 -14.21
CA VAL A 389 -11.77 26.61 -13.43
C VAL A 389 -12.37 27.91 -13.94
N ALA A 390 -11.54 28.90 -14.23
CA ALA A 390 -12.03 30.17 -14.75
C ALA A 390 -12.71 29.97 -16.11
N LEU A 391 -12.14 29.10 -16.94
CA LEU A 391 -12.76 28.76 -18.22
C LEU A 391 -14.09 28.07 -18.00
N ALA A 392 -14.14 27.12 -17.07
CA ALA A 392 -15.37 26.35 -16.89
C ALA A 392 -16.55 27.21 -16.48
N ALA A 393 -16.27 28.31 -15.76
CA ALA A 393 -17.34 29.25 -15.39
C ALA A 393 -18.09 29.76 -16.60
N HIS A 394 -17.40 29.93 -17.75
CA HIS A 394 -18.08 30.38 -18.97
C HIS A 394 -19.06 29.33 -19.49
N PHE A 395 -18.87 28.06 -19.10
CA PHE A 395 -19.80 26.98 -19.41
C PHE A 395 -20.77 26.68 -18.26
N ASP A 396 -20.88 27.57 -17.28
CA ASP A 396 -21.79 27.44 -16.15
C ASP A 396 -21.49 26.18 -15.35
N LEU A 397 -20.21 25.86 -15.24
CA LEU A 397 -19.73 24.74 -14.43
C LEU A 397 -18.94 25.28 -13.25
N ALA A 398 -19.37 24.98 -12.03
CA ALA A 398 -18.72 25.56 -10.86
C ALA A 398 -17.46 24.83 -10.40
N MET A 399 -17.33 23.56 -10.72
CA MET A 399 -16.15 22.77 -10.38
C MET A 399 -15.76 22.88 -8.90
N PRO A 400 -16.65 22.49 -7.99
CA PRO A 400 -16.35 22.65 -6.56
C PRO A 400 -15.13 21.89 -6.07
N GLN A 401 -14.88 20.69 -6.60
CA GLN A 401 -13.70 19.96 -6.15
C GLN A 401 -12.44 20.68 -6.59
N ALA A 402 -12.39 21.09 -7.86
CA ALA A 402 -11.27 21.91 -8.31
C ALA A 402 -11.10 23.15 -7.45
N ARG A 403 -12.19 23.84 -7.14
CA ARG A 403 -12.09 25.03 -6.32
C ARG A 403 -11.58 24.72 -4.93
N SER A 404 -11.91 23.55 -4.37
CA SER A 404 -11.42 23.19 -3.05
C SER A 404 -9.92 22.97 -3.08
N LEU A 405 -9.42 22.40 -4.17
CA LEU A 405 -7.99 22.19 -4.34
C LEU A 405 -7.25 23.52 -4.54
N LEU A 406 -7.81 24.42 -5.33
CA LEU A 406 -7.23 25.75 -5.45
C LEU A 406 -7.15 26.43 -4.08
N ALA A 407 -8.24 26.35 -3.30
CA ALA A 407 -8.26 27.06 -2.02
C ALA A 407 -7.28 26.46 -1.02
N SER A 408 -7.05 25.13 -1.08
CA SER A 408 -6.05 24.49 -0.25
C SER A 408 -4.65 25.04 -0.55
N TYR A 409 -4.30 25.09 -1.83
CA TYR A 409 -3.04 25.72 -2.21
C TYR A 409 -2.98 27.17 -1.74
N GLU A 410 -4.02 27.94 -2.01
CA GLU A 410 -3.97 29.37 -1.73
C GLU A 410 -3.80 29.61 -0.23
N ASN A 411 -4.52 28.84 0.58
CA ASN A 411 -4.41 28.99 2.03
C ASN A 411 -3.00 28.67 2.51
N ALA A 412 -2.44 27.55 2.03
CA ALA A 412 -1.12 27.14 2.48
C ALA A 412 -0.08 28.17 2.11
N VAL A 413 -0.11 28.64 0.84
CA VAL A 413 0.89 29.61 0.39
C VAL A 413 0.69 30.93 1.15
N SER A 414 -0.56 31.34 1.35
CA SER A 414 -0.83 32.55 2.10
C SER A 414 -0.21 32.50 3.51
N ARG A 415 -0.34 31.34 4.18
CA ARG A 415 0.25 31.20 5.50
C ARG A 415 1.77 31.24 5.43
N PHE A 416 2.35 30.68 4.36
CA PHE A 416 3.80 30.76 4.18
C PHE A 416 4.24 32.20 4.04
N ILE A 417 3.49 32.99 3.27
CA ILE A 417 3.83 34.40 3.13
C ILE A 417 3.68 35.11 4.46
N ASP A 418 2.60 34.82 5.20
CA ASP A 418 2.43 35.40 6.54
C ASP A 418 3.66 35.16 7.41
N CYS A 419 4.17 33.92 7.39
CA CYS A 419 5.26 33.54 8.28
CA CYS A 419 5.25 33.54 8.28
C CYS A 419 6.59 34.09 7.81
N GLN A 420 6.87 34.00 6.52
CA GLN A 420 8.17 34.38 6.00
C GLN A 420 8.27 35.87 5.80
N GLY A 421 7.14 36.53 5.55
CA GLY A 421 7.12 37.93 5.18
C GLY A 421 7.00 38.15 3.68
N ALA A 422 6.05 39.00 3.28
CA ALA A 422 5.86 39.32 1.88
C ALA A 422 7.16 39.77 1.24
N SER A 423 7.97 40.52 1.98
CA SER A 423 9.20 41.08 1.44
C SER A 423 10.16 40.01 0.99
N GLN A 424 10.04 38.79 1.51
CA GLN A 424 10.96 37.70 1.23
C GLN A 424 10.46 36.76 0.15
N CYS A 425 9.30 37.03 -0.45
CA CYS A 425 8.62 36.10 -1.34
C CYS A 425 8.51 36.67 -2.75
N HIS A 426 8.83 35.82 -3.72
CA HIS A 426 8.71 36.20 -5.12
C HIS A 426 7.24 36.45 -5.47
N PRO A 427 6.93 37.42 -6.32
CA PRO A 427 5.51 37.71 -6.60
C PRO A 427 4.73 36.58 -7.23
N SER A 428 5.40 35.58 -7.80
CA SER A 428 4.70 34.40 -8.29
C SER A 428 3.96 33.66 -7.18
N LEU A 429 4.28 33.95 -5.91
CA LEU A 429 3.56 33.30 -4.81
C LEU A 429 2.20 33.95 -4.56
N TYR A 430 1.89 35.00 -5.25
CA TYR A 430 0.78 35.85 -4.88
C TYR A 430 -0.43 35.59 -5.71
N PRO A 431 -1.58 36.12 -5.27
CA PRO A 431 -2.84 35.91 -5.99
C PRO A 431 -2.69 36.21 -7.47
N ILE A 432 -3.23 35.31 -8.28
CA ILE A 432 -3.19 35.39 -9.74
C ILE A 432 -4.63 35.54 -10.22
N ASP A 433 -4.85 36.38 -11.24
CA ASP A 433 -6.19 36.56 -11.83
C ASP A 433 -6.23 35.82 -13.16
N SER A 434 -6.97 34.70 -13.21
CA SER A 434 -7.08 33.94 -14.44
C SER A 434 -8.27 34.34 -15.31
N ARG A 435 -9.08 35.29 -14.86
CA ARG A 435 -10.30 35.58 -15.59
C ARG A 435 -10.00 36.18 -16.96
N PRO A 436 -9.05 37.10 -17.09
CA PRO A 436 -8.76 37.62 -18.45
C PRO A 436 -8.39 36.54 -19.46
N ALA A 437 -7.48 35.63 -19.09
CA ALA A 437 -7.09 34.57 -20.01
C ALA A 437 -8.26 33.66 -20.32
N ALA A 438 -9.07 33.34 -19.31
CA ALA A 438 -10.25 32.50 -19.54
C ALA A 438 -11.23 33.18 -20.50
N ASP A 439 -11.39 34.50 -20.37
CA ASP A 439 -12.25 35.22 -21.29
C ASP A 439 -11.73 35.17 -22.71
N ALA A 440 -10.41 35.29 -22.88
CA ALA A 440 -9.84 35.22 -24.21
C ALA A 440 -10.06 33.85 -24.81
N ILE A 441 -9.91 32.79 -23.99
CA ILE A 441 -10.11 31.45 -24.49
C ILE A 441 -11.56 31.27 -24.96
N TYR A 442 -12.50 31.68 -24.12
CA TYR A 442 -13.91 31.47 -24.44
C TYR A 442 -14.31 32.24 -25.70
N ARG A 443 -13.82 33.47 -25.84
CA ARG A 443 -14.10 34.23 -27.05
C ARG A 443 -13.52 33.54 -28.27
N GLN A 444 -12.30 33.01 -28.16
CA GLN A 444 -11.69 32.33 -29.27
C GLN A 444 -12.50 31.09 -29.63
N TRP A 445 -12.97 30.37 -28.62
CA TRP A 445 -13.77 29.18 -28.90
C TRP A 445 -15.07 29.54 -29.60
N CYS A 446 -15.67 30.67 -29.23
CA CYS A 446 -16.96 31.04 -29.80
C CYS A 446 -16.86 31.66 -31.19
N SER A 447 -15.67 31.97 -31.67
CA SER A 447 -15.51 32.70 -32.92
C SER A 447 -15.57 31.76 -34.12
N SER B 23 -7.09 -19.12 45.35
CA SER B 23 -8.09 -19.41 44.33
C SER B 23 -7.49 -20.16 43.16
N LEU B 24 -6.21 -19.90 42.86
CA LEU B 24 -5.53 -20.66 41.82
C LEU B 24 -5.06 -22.00 42.34
N GLY B 25 -4.71 -22.07 43.61
CA GLY B 25 -4.16 -23.29 44.16
C GLY B 25 -2.87 -23.69 43.47
N ASN B 26 -2.59 -24.99 43.47
CA ASN B 26 -1.42 -25.51 42.77
C ASN B 26 -1.74 -25.58 41.28
N VAL B 27 -0.81 -25.11 40.46
CA VAL B 27 -1.06 -24.92 39.02
C VAL B 27 -0.12 -25.84 38.23
N LEU B 28 -0.69 -26.59 37.31
CA LEU B 28 0.06 -27.43 36.39
C LEU B 28 0.04 -26.81 35.01
N LEU B 29 1.22 -26.47 34.52
CA LEU B 29 1.39 -26.00 33.16
C LEU B 29 1.60 -27.20 32.25
N VAL B 30 0.70 -27.38 31.29
CA VAL B 30 0.79 -28.48 30.34
C VAL B 30 1.36 -27.94 29.05
N GLY B 31 2.57 -28.40 28.70
CA GLY B 31 3.31 -27.85 27.60
C GLY B 31 4.25 -26.76 28.07
N LEU B 32 5.46 -27.15 28.46
CA LEU B 32 6.40 -26.24 29.10
C LEU B 32 7.29 -25.60 28.04
N GLY B 33 6.75 -24.60 27.33
CA GLY B 33 7.43 -23.85 26.31
C GLY B 33 7.36 -22.35 26.60
N ALA B 34 7.45 -21.58 25.52
CA ALA B 34 7.52 -20.13 25.65
C ALA B 34 6.31 -19.56 26.40
N VAL B 35 5.11 -19.92 25.94
CA VAL B 35 3.88 -19.43 26.57
C VAL B 35 3.87 -19.79 28.06
N ALA B 36 4.17 -21.06 28.38
CA ALA B 36 4.12 -21.48 29.77
C ALA B 36 5.06 -20.66 30.66
N ILE B 37 6.23 -20.26 30.15
CA ILE B 37 7.18 -19.53 30.98
C ILE B 37 6.65 -18.13 31.27
N GLN B 38 6.10 -17.45 30.28
CA GLN B 38 5.43 -16.18 30.55
C GLN B 38 4.30 -16.36 31.55
N VAL B 39 3.44 -17.36 31.33
CA VAL B 39 2.32 -17.56 32.24
C VAL B 39 2.80 -17.82 33.66
N ALA B 40 3.85 -18.63 33.81
CA ALA B 40 4.35 -18.95 35.15
C ALA B 40 4.75 -17.68 35.89
N LEU B 41 5.43 -16.76 35.22
CA LEU B 41 5.87 -15.55 35.91
C LEU B 41 4.69 -14.66 36.26
N ASP B 42 3.67 -14.60 35.38
CA ASP B 42 2.45 -13.86 35.73
C ASP B 42 1.71 -14.52 36.90
N LEU B 43 1.68 -15.85 36.95
CA LEU B 43 1.06 -16.53 38.08
C LEU B 43 1.80 -16.21 39.36
N ARG B 44 3.12 -16.20 39.30
CA ARG B 44 3.91 -15.94 40.50
C ARG B 44 3.71 -14.50 40.98
N ARG B 45 3.61 -13.54 40.05
CA ARG B 45 3.35 -12.15 40.46
C ARG B 45 2.02 -12.06 41.21
N HIS B 46 0.99 -12.72 40.72
CA HIS B 46 -0.30 -12.73 41.35
C HIS B 46 -0.34 -13.46 42.67
N GLY B 47 0.27 -14.63 42.71
CA GLY B 47 0.26 -15.43 43.89
C GLY B 47 -0.41 -16.79 43.61
N ALA B 48 0.35 -17.85 43.77
CA ALA B 48 -0.15 -19.18 43.51
C ALA B 48 0.52 -20.17 44.43
N GLY B 49 0.03 -21.41 44.40
CA GLY B 49 0.63 -22.45 45.18
C GLY B 49 1.83 -23.04 44.46
N ARG B 50 1.94 -24.36 44.51
CA ARG B 50 3.03 -25.01 43.81
C ARG B 50 2.85 -24.87 42.32
N LEU B 51 3.97 -24.84 41.63
CA LEU B 51 4.00 -24.78 40.18
C LEU B 51 4.58 -26.09 39.63
N GLY B 52 3.79 -26.78 38.81
CA GLY B 52 4.24 -28.00 38.16
C GLY B 52 4.12 -27.87 36.65
N ALA B 53 4.75 -28.80 35.93
CA ALA B 53 4.63 -28.79 34.49
C ALA B 53 4.63 -30.22 33.99
N LEU B 54 3.93 -30.42 32.88
CA LEU B 54 3.82 -31.67 32.14
C LEU B 54 4.24 -31.36 30.71
N ASN B 55 5.36 -31.94 30.27
CA ASN B 55 5.83 -31.81 28.90
C ASN B 55 6.06 -33.21 28.36
N HIS B 56 5.46 -33.52 27.20
CA HIS B 56 5.49 -34.91 26.72
C HIS B 56 6.91 -35.28 26.30
N PRO B 57 7.20 -36.58 26.26
CA PRO B 57 8.56 -37.03 25.96
C PRO B 57 9.07 -36.46 24.64
N GLY B 58 10.36 -36.26 24.59
CA GLY B 58 11.01 -35.69 23.44
C GLY B 58 12.32 -35.06 23.83
N ARG B 59 13.06 -34.58 22.86
CA ARG B 59 14.32 -33.95 23.15
C ARG B 59 14.18 -32.71 24.03
N ARG B 60 13.16 -31.91 23.82
CA ARG B 60 12.98 -30.78 24.67
C ARG B 60 12.82 -31.22 26.13
N SER B 61 12.02 -32.23 26.38
CA SER B 61 11.87 -32.70 27.76
C SER B 61 13.20 -33.24 28.31
N GLN B 62 14.00 -33.91 27.47
CA GLN B 62 15.30 -34.36 27.94
C GLN B 62 16.16 -33.18 28.37
N ARG B 63 16.19 -32.11 27.55
CA ARG B 63 16.98 -30.93 27.90
C ARG B 63 16.46 -30.27 29.15
N ILE B 64 15.13 -30.19 29.29
CA ILE B 64 14.53 -29.59 30.48
C ILE B 64 14.93 -30.37 31.72
N ALA B 65 14.83 -31.70 31.65
CA ALA B 65 15.14 -32.51 32.83
C ALA B 65 16.59 -32.35 33.24
N GLU B 66 17.51 -32.27 32.27
CA GLU B 66 18.90 -32.06 32.63
C GLU B 66 19.13 -30.66 33.20
N ALA B 67 18.51 -29.63 32.60
CA ALA B 67 18.66 -28.28 33.12
C ALA B 67 18.14 -28.18 34.56
N LEU B 68 16.96 -28.75 34.82
CA LEU B 68 16.44 -28.78 36.17
C LEU B 68 17.41 -29.51 37.10
N ALA B 69 18.03 -30.59 36.62
CA ALA B 69 18.97 -31.31 37.46
C ALA B 69 20.16 -30.45 37.84
N ARG B 70 20.57 -29.53 36.97
CA ARG B 70 21.69 -28.64 37.22
C ARG B 70 21.26 -27.33 37.85
N GLY B 71 20.01 -27.23 38.30
CA GLY B 71 19.55 -26.09 39.06
C GLY B 71 18.78 -25.04 38.29
N ALA B 72 18.39 -25.30 37.05
CA ALA B 72 17.69 -24.28 36.28
C ALA B 72 16.33 -23.94 36.91
N CYS B 73 15.93 -22.71 36.71
CA CYS B 73 14.57 -22.25 36.99
C CYS B 73 13.96 -21.71 35.71
N LEU B 74 12.67 -21.38 35.78
CA LEU B 74 12.02 -20.70 34.67
C LEU B 74 12.48 -19.26 34.67
N GLN B 75 12.92 -18.78 33.51
CA GLN B 75 13.55 -17.46 33.40
C GLN B 75 12.86 -16.71 32.28
N LEU B 76 12.27 -15.58 32.62
CA LEU B 76 11.57 -14.75 31.65
C LEU B 76 12.33 -13.45 31.53
N GLU B 77 12.60 -13.04 30.29
CA GLU B 77 13.19 -11.74 30.01
C GLU B 77 12.20 -10.93 29.20
N GLY B 78 11.97 -9.69 29.60
CA GLY B 78 11.18 -8.75 28.83
C GLY B 78 12.12 -7.88 28.01
N GLN B 79 11.88 -7.82 26.72
CA GLN B 79 12.69 -7.03 25.83
C GLN B 79 12.34 -5.53 25.87
N GLY B 80 13.36 -4.68 25.92
CA GLY B 80 13.12 -3.27 25.79
C GLY B 80 12.22 -2.68 26.81
N GLN B 81 11.09 -2.13 26.38
CA GLN B 81 10.11 -1.54 27.25
C GLN B 81 9.45 -2.54 28.17
N HIS B 82 9.51 -3.84 27.84
CA HIS B 82 8.89 -4.82 28.74
C HIS B 82 9.88 -5.43 29.72
N ARG B 83 11.02 -4.78 29.96
CA ARG B 83 12.05 -5.36 30.81
C ARG B 83 11.57 -5.57 32.24
N TRP B 84 10.56 -4.79 32.66
CA TRP B 84 9.93 -5.00 33.96
C TRP B 84 9.21 -6.33 34.05
N LEU B 85 8.94 -7.00 32.91
CA LEU B 85 8.36 -8.33 32.95
C LEU B 85 9.35 -9.39 33.41
N SER B 86 10.64 -9.09 33.38
CA SER B 86 11.66 -10.11 33.59
C SER B 86 11.64 -10.61 35.03
N GLY B 87 11.92 -11.90 35.19
CA GLY B 87 11.87 -12.51 36.50
C GLY B 87 12.15 -14.00 36.36
N ASN B 88 12.38 -14.62 37.53
CA ASN B 88 12.65 -16.04 37.64
C ASN B 88 11.59 -16.71 38.51
N ALA B 89 11.33 -18.00 38.25
CA ALA B 89 10.38 -18.74 39.05
C ALA B 89 10.84 -20.19 39.12
N ALA B 90 10.76 -20.77 40.31
CA ALA B 90 11.15 -22.16 40.48
C ALA B 90 10.06 -23.06 39.92
N LEU B 91 10.46 -24.17 39.34
CA LEU B 91 9.53 -25.25 38.97
C LEU B 91 9.57 -26.30 40.08
N ASP B 92 8.42 -26.53 40.72
CA ASP B 92 8.39 -27.43 41.87
C ASP B 92 8.32 -28.90 41.44
N VAL B 93 7.71 -29.18 40.30
CA VAL B 93 7.45 -30.54 39.84
C VAL B 93 7.56 -30.56 38.32
N PHE B 94 8.24 -31.57 37.76
CA PHE B 94 8.26 -31.77 36.32
C PHE B 94 7.91 -33.22 35.98
N HIS B 95 6.91 -33.39 35.11
CA HIS B 95 6.44 -34.68 34.65
C HIS B 95 6.52 -34.72 33.12
N GLN B 96 6.74 -35.91 32.56
CA GLN B 96 6.52 -36.12 31.13
C GLN B 96 5.34 -37.05 30.85
N ASP B 97 4.98 -37.92 31.79
CA ASP B 97 3.98 -38.95 31.60
C ASP B 97 2.70 -38.58 32.31
N PRO B 98 1.59 -38.34 31.61
CA PRO B 98 0.36 -37.95 32.30
C PRO B 98 -0.09 -38.94 33.35
N ALA B 99 0.21 -40.22 33.18
CA ALA B 99 -0.22 -41.20 34.17
C ALA B 99 0.45 -41.03 35.53
N GLU B 100 1.55 -40.30 35.60
CA GLU B 100 2.26 -40.10 36.84
C GLU B 100 1.74 -38.91 37.64
N LEU B 101 0.76 -38.20 37.13
CA LEU B 101 0.24 -37.07 37.86
C LEU B 101 -0.53 -37.51 39.10
N ARG B 102 -0.27 -36.81 40.19
CA ARG B 102 -0.99 -36.96 41.43
C ARG B 102 -2.18 -35.98 41.44
N ASP B 103 -3.16 -36.24 42.26
CA ASP B 103 -4.31 -35.37 42.33
C ASP B 103 -3.98 -34.19 43.26
N ASP B 104 -3.05 -33.37 42.88
CA ASP B 104 -2.58 -32.31 43.68
C ASP B 104 -2.72 -30.97 42.97
N TRP B 105 -3.52 -30.90 41.94
CA TRP B 105 -3.56 -29.73 41.06
C TRP B 105 -4.97 -29.17 41.02
N GLN B 106 -5.09 -27.88 41.32
CA GLN B 106 -6.38 -27.21 41.24
C GLN B 106 -6.62 -26.57 39.89
N THR B 107 -5.55 -26.18 39.22
CA THR B 107 -5.62 -25.42 37.98
C THR B 107 -4.67 -26.03 36.97
N LEU B 108 -5.19 -26.33 35.77
CA LEU B 108 -4.37 -26.71 34.63
C LEU B 108 -4.41 -25.62 33.58
N VAL B 109 -3.24 -25.31 33.02
CA VAL B 109 -3.12 -24.33 31.95
C VAL B 109 -2.54 -25.03 30.74
N LEU B 110 -3.31 -25.10 29.66
CA LEU B 110 -2.86 -25.76 28.44
C LEU B 110 -2.08 -24.75 27.59
N CYS B 111 -0.76 -24.94 27.53
CA CYS B 111 0.18 -24.09 26.82
C CYS B 111 0.76 -24.81 25.60
N VAL B 112 0.10 -25.87 25.16
CA VAL B 112 0.47 -26.64 23.98
C VAL B 112 -0.20 -26.03 22.76
N PRO B 113 0.19 -26.42 21.54
CA PRO B 113 -0.56 -25.98 20.35
C PRO B 113 -2.01 -26.39 20.45
N ALA B 114 -2.89 -25.51 20.00
CA ALA B 114 -4.32 -25.77 20.14
C ALA B 114 -4.75 -27.04 19.44
N ASP B 115 -4.06 -27.43 18.35
CA ASP B 115 -4.41 -28.67 17.68
C ASP B 115 -4.27 -29.87 18.60
N SER B 116 -3.46 -29.76 19.64
CA SER B 116 -3.21 -30.85 20.58
C SER B 116 -4.10 -30.82 21.82
N TYR B 117 -5.02 -29.84 21.94
CA TYR B 117 -5.82 -29.78 23.17
C TYR B 117 -6.61 -31.06 23.40
N LEU B 118 -7.27 -31.58 22.37
CA LEU B 118 -8.09 -32.78 22.55
C LEU B 118 -7.23 -33.97 22.99
N ASP B 119 -6.11 -34.20 22.28
CA ASP B 119 -5.17 -35.25 22.65
C ASP B 119 -4.69 -35.10 24.09
N VAL B 120 -4.32 -33.89 24.49
CA VAL B 120 -3.84 -33.68 25.85
C VAL B 120 -4.93 -34.05 26.85
N VAL B 121 -6.17 -33.62 26.61
CA VAL B 121 -7.24 -33.84 27.55
C VAL B 121 -7.60 -35.32 27.61
N ARG B 122 -7.64 -35.98 26.45
CA ARG B 122 -7.93 -37.41 26.42
C ARG B 122 -6.84 -38.22 27.12
N GLY B 123 -5.62 -37.70 27.16
CA GLY B 123 -4.53 -38.44 27.76
C GLY B 123 -4.44 -38.34 29.27
N LEU B 124 -5.10 -37.36 29.87
CA LEU B 124 -4.98 -37.16 31.30
C LEU B 124 -5.85 -38.14 32.09
N PRO B 125 -5.39 -38.56 33.23
CA PRO B 125 -6.17 -39.54 34.04
C PRO B 125 -7.26 -38.86 34.88
N TRP B 126 -8.27 -38.32 34.20
CA TRP B 126 -9.25 -37.45 34.86
C TRP B 126 -9.97 -38.12 36.01
N GLU B 127 -10.16 -39.44 35.94
CA GLU B 127 -10.85 -40.15 37.00
C GLU B 127 -10.11 -40.10 38.33
N ARG B 128 -8.84 -39.79 38.28
CA ARG B 128 -8.08 -39.55 39.47
C ARG B 128 -7.48 -38.13 39.55
N LEU B 129 -8.13 -37.14 38.94
CA LEU B 129 -7.74 -35.75 39.00
C LEU B 129 -9.00 -34.95 39.44
N GLY B 130 -9.73 -35.44 40.44
CA GLY B 130 -10.91 -34.82 40.88
C GLY B 130 -10.68 -33.48 41.51
N GLY B 131 -9.47 -33.18 41.90
CA GLY B 131 -9.18 -31.90 42.50
C GLY B 131 -9.05 -30.76 41.52
N VAL B 132 -9.00 -31.06 40.23
CA VAL B 132 -8.88 -30.02 39.22
C VAL B 132 -10.19 -29.24 39.16
N ARG B 133 -10.09 -27.93 39.35
CA ARG B 133 -11.25 -27.05 39.34
C ARG B 133 -11.33 -26.20 38.09
N THR B 134 -10.19 -25.88 37.49
CA THR B 134 -10.12 -24.97 36.36
C THR B 134 -9.12 -25.48 35.33
N LEU B 135 -9.52 -25.37 34.05
CA LEU B 135 -8.65 -25.71 32.93
C LEU B 135 -8.67 -24.54 31.98
N LEU B 136 -7.50 -23.90 31.79
CA LEU B 136 -7.41 -22.71 30.94
C LEU B 136 -6.80 -23.07 29.60
N LEU B 137 -7.52 -22.73 28.54
CA LEU B 137 -7.07 -22.90 27.16
C LEU B 137 -6.53 -21.56 26.67
N VAL B 138 -5.21 -21.45 26.53
CA VAL B 138 -4.58 -20.16 26.27
C VAL B 138 -4.82 -19.66 24.85
N SER B 139 -4.94 -20.55 23.86
CA SER B 139 -5.25 -20.10 22.48
C SER B 139 -6.47 -20.88 21.96
N ALA B 140 -7.65 -20.50 22.42
CA ALA B 140 -8.85 -21.27 22.11
C ALA B 140 -9.41 -20.90 20.74
N PHE B 141 -9.60 -21.90 19.89
CA PHE B 141 -10.30 -21.73 18.61
C PHE B 141 -11.79 -21.94 18.83
N ILE B 142 -12.59 -21.54 17.84
CA ILE B 142 -14.03 -21.69 17.92
C ILE B 142 -14.35 -23.18 18.12
N GLY B 143 -14.97 -23.49 19.23
CA GLY B 143 -15.32 -24.85 19.56
C GLY B 143 -14.38 -25.54 20.52
N ALA B 144 -13.25 -24.91 20.85
CA ALA B 144 -12.25 -25.58 21.67
C ALA B 144 -12.79 -25.92 23.06
N ASN B 145 -13.50 -24.99 23.68
CA ASN B 145 -14.07 -25.23 25.00
C ASN B 145 -14.99 -26.44 24.96
N LEU B 146 -15.88 -26.48 23.98
CA LEU B 146 -16.80 -27.59 23.80
C LEU B 146 -16.07 -28.90 23.51
N LEU B 147 -15.02 -28.85 22.67
CA LEU B 147 -14.27 -30.06 22.34
C LEU B 147 -13.61 -30.64 23.59
N VAL B 148 -13.00 -29.77 24.40
CA VAL B 148 -12.35 -30.19 25.63
C VAL B 148 -13.35 -30.82 26.60
N ARG B 149 -14.48 -30.15 26.79
CA ARG B 149 -15.54 -30.67 27.67
C ARG B 149 -16.07 -31.99 27.17
N SER B 150 -16.06 -32.25 25.86
CA SER B 150 -16.58 -33.52 25.37
C SER B 150 -15.69 -34.69 25.74
N ALA B 151 -14.43 -34.43 26.06
CA ALA B 151 -13.51 -35.49 26.45
C ALA B 151 -13.44 -35.68 27.95
N LEU B 152 -14.15 -34.90 28.70
CA LEU B 152 -14.09 -35.03 30.16
C LEU B 152 -15.07 -36.09 30.64
N PRO B 153 -14.74 -36.78 31.72
CA PRO B 153 -15.68 -37.78 32.27
C PRO B 153 -16.94 -37.12 32.80
N ALA B 154 -18.04 -37.86 32.74
CA ALA B 154 -19.31 -37.30 33.20
C ALA B 154 -19.22 -37.03 34.70
N GLY B 155 -19.80 -35.90 35.11
CA GLY B 155 -19.62 -35.45 36.45
C GLY B 155 -18.30 -34.76 36.71
N CYS B 156 -17.36 -34.78 35.76
CA CYS B 156 -16.13 -34.02 35.95
C CYS B 156 -16.50 -32.60 36.34
N GLN B 157 -15.83 -32.07 37.35
CA GLN B 157 -16.16 -30.82 38.01
C GLN B 157 -15.45 -29.62 37.40
N ALA B 158 -14.55 -29.83 36.46
CA ALA B 158 -13.68 -28.74 36.02
C ALA B 158 -14.43 -27.71 35.19
N THR B 159 -14.19 -26.45 35.50
CA THR B 159 -14.57 -25.35 34.61
C THR B 159 -13.51 -25.15 33.53
N VAL B 160 -13.95 -24.94 32.30
CA VAL B 160 -13.04 -24.77 31.19
C VAL B 160 -13.12 -23.31 30.75
N LEU B 161 -11.96 -22.64 30.73
CA LEU B 161 -11.84 -21.24 30.32
C LEU B 161 -11.21 -21.16 28.94
N SER B 162 -11.75 -20.29 28.08
CA SER B 162 -11.21 -20.03 26.76
C SER B 162 -10.67 -18.61 26.66
N LEU B 163 -9.38 -18.48 26.47
CA LEU B 163 -8.77 -17.20 26.14
C LEU B 163 -8.74 -17.04 24.64
N SER B 164 -9.02 -15.81 24.17
CA SER B 164 -9.12 -15.59 22.73
C SER B 164 -7.82 -15.88 22.01
N SER B 165 -6.70 -15.57 22.63
CA SER B 165 -5.39 -15.79 22.02
C SER B 165 -4.36 -15.58 23.09
N TYR B 166 -3.18 -16.17 22.89
CA TYR B 166 -2.05 -15.84 23.72
C TYR B 166 -1.85 -14.34 23.70
N TYR B 167 -1.42 -13.79 24.84
CA TYR B 167 -1.48 -12.36 25.07
C TYR B 167 -0.15 -11.66 24.91
N ALA B 168 0.85 -12.33 24.34
CA ALA B 168 2.17 -11.74 24.16
C ALA B 168 2.83 -12.37 22.94
N ALA B 169 4.09 -12.02 22.74
CA ALA B 169 4.92 -12.59 21.70
C ALA B 169 6.17 -13.03 22.44
N THR B 170 6.34 -14.33 22.57
CA THR B 170 7.41 -14.91 23.34
C THR B 170 8.07 -16.13 22.73
N LYS B 171 9.36 -16.25 22.92
CA LYS B 171 10.07 -17.35 22.36
C LYS B 171 11.22 -17.84 23.23
N VAL B 172 11.49 -19.13 23.19
CA VAL B 172 12.66 -19.67 23.85
C VAL B 172 13.87 -19.27 23.01
N ILE B 173 14.75 -18.48 23.60
CA ILE B 173 15.85 -17.87 22.87
C ILE B 173 16.70 -18.96 22.21
N ASP B 174 17.12 -19.94 22.99
CA ASP B 174 18.09 -20.93 22.56
C ASP B 174 17.74 -22.25 23.22
N GLU B 175 17.43 -23.26 22.42
CA GLU B 175 16.90 -24.49 22.99
C GLU B 175 17.91 -25.21 23.87
N THR B 176 19.15 -24.73 23.91
CA THR B 176 20.16 -25.26 24.81
C THR B 176 20.07 -24.68 26.24
N GLN B 177 19.21 -23.68 26.46
CA GLN B 177 18.93 -23.11 27.80
C GLN B 177 17.42 -23.10 27.73
N PRO B 178 16.84 -24.25 27.88
CA PRO B 178 15.45 -24.50 27.54
C PRO B 178 14.39 -23.77 28.27
N LEU B 179 14.68 -23.30 29.46
CA LEU B 179 13.67 -22.68 30.29
C LEU B 179 13.80 -21.15 30.34
N ARG B 180 14.54 -20.57 29.41
CA ARG B 180 14.77 -19.13 29.35
C ARG B 180 14.05 -18.58 28.12
N ALA B 181 13.04 -17.73 28.37
CA ALA B 181 12.18 -17.23 27.31
C ALA B 181 12.30 -15.71 27.23
N LEU B 182 12.00 -15.19 26.04
CA LEU B 182 12.03 -13.76 25.76
C LEU B 182 10.67 -13.33 25.28
N THR B 183 10.06 -12.37 25.98
CA THR B 183 8.81 -11.74 25.54
C THR B 183 9.17 -10.40 24.92
N LYS B 184 8.86 -10.26 23.62
CA LYS B 184 9.22 -9.05 22.89
C LYS B 184 8.08 -8.05 22.76
N ALA B 185 6.85 -8.45 23.05
CA ALA B 185 5.67 -7.62 22.87
C ALA B 185 4.53 -8.23 23.67
N VAL B 186 3.62 -7.36 24.09
CA VAL B 186 2.40 -7.74 24.80
C VAL B 186 1.22 -7.14 24.05
N LYS B 187 0.16 -7.94 23.91
CA LYS B 187 -1.02 -7.47 23.22
C LYS B 187 -1.75 -6.40 24.02
N ARG B 188 -2.57 -5.64 23.30
CA ARG B 188 -3.37 -4.62 23.97
C ARG B 188 -4.52 -5.25 24.74
N ARG B 189 -5.17 -6.25 24.14
CA ARG B 189 -6.44 -6.75 24.63
C ARG B 189 -6.62 -8.20 24.23
N VAL B 190 -7.13 -9.00 25.17
CA VAL B 190 -7.67 -10.32 24.85
C VAL B 190 -9.01 -10.49 25.56
N TYR B 191 -9.70 -11.59 25.26
CA TYR B 191 -11.04 -11.88 25.77
C TYR B 191 -11.01 -13.24 26.44
N LEU B 192 -11.89 -13.42 27.42
CA LEU B 192 -11.91 -14.64 28.25
C LEU B 192 -13.34 -15.06 28.50
N GLY B 193 -13.67 -16.30 28.12
CA GLY B 193 -14.98 -16.86 28.33
C GLY B 193 -14.87 -18.15 29.13
N SER B 194 -15.97 -18.59 29.73
CA SER B 194 -15.94 -19.73 30.64
C SER B 194 -17.12 -20.64 30.36
N SER B 195 -16.91 -21.94 30.56
CA SER B 195 -18.00 -22.91 30.45
C SER B 195 -19.06 -22.73 31.54
N ARG B 196 -18.72 -22.02 32.60
CA ARG B 196 -19.64 -21.79 33.70
C ARG B 196 -20.25 -20.41 33.54
N PRO B 197 -21.57 -20.29 33.49
CA PRO B 197 -22.19 -18.96 33.43
C PRO B 197 -21.73 -18.09 34.60
N ASP B 198 -21.52 -16.81 34.30
CA ASP B 198 -21.06 -15.86 35.30
C ASP B 198 -19.89 -16.44 36.10
N ALA B 201 -13.93 -17.52 38.02
CA ALA B 201 -12.50 -17.78 37.80
C ALA B 201 -12.00 -16.85 36.71
N ARG B 202 -12.93 -16.32 35.90
CA ARG B 202 -12.59 -15.33 34.90
C ARG B 202 -11.91 -14.13 35.54
N GLU B 203 -12.48 -13.62 36.64
CA GLU B 203 -11.91 -12.44 37.27
C GLU B 203 -10.51 -12.71 37.79
N THR B 204 -10.29 -13.88 38.39
CA THR B 204 -8.95 -14.22 38.85
C THR B 204 -7.95 -14.15 37.69
N TRP B 205 -8.28 -14.82 36.58
CA TRP B 205 -7.39 -14.82 35.42
C TRP B 205 -7.33 -13.45 34.74
N ARG B 206 -8.40 -12.66 34.77
CA ARG B 206 -8.25 -11.29 34.29
C ARG B 206 -7.14 -10.57 35.06
N ARG B 207 -7.15 -10.68 36.40
CA ARG B 207 -6.12 -10.02 37.18
C ARG B 207 -4.74 -10.60 36.87
N VAL B 208 -4.63 -11.93 36.83
CA VAL B 208 -3.32 -12.54 36.60
C VAL B 208 -2.71 -11.98 35.33
N LEU B 209 -3.43 -12.06 34.23
CA LEU B 209 -2.86 -11.61 32.96
C LEU B 209 -2.70 -10.11 32.89
N ALA B 210 -3.53 -9.35 33.62
CA ALA B 210 -3.36 -7.91 33.64
C ALA B 210 -2.00 -7.48 34.17
N GLY B 211 -1.32 -8.33 34.93
CA GLY B 211 0.02 -8.01 35.41
C GLY B 211 1.03 -7.83 34.30
N SER B 212 0.77 -8.45 33.13
CA SER B 212 1.63 -8.27 31.97
C SER B 212 1.35 -6.99 31.21
N GLY B 213 0.28 -6.28 31.55
CA GLY B 213 -0.12 -5.10 30.82
C GLY B 213 -1.27 -5.31 29.86
N VAL B 214 -1.67 -6.56 29.60
CA VAL B 214 -2.76 -6.82 28.68
C VAL B 214 -4.07 -6.57 29.40
N GLU B 215 -5.05 -6.02 28.68
CA GLU B 215 -6.40 -5.91 29.19
C GLU B 215 -7.17 -7.17 28.84
N VAL B 216 -7.72 -7.85 29.84
CA VAL B 216 -8.55 -9.03 29.62
C VAL B 216 -10.01 -8.59 29.73
N VAL B 217 -10.79 -8.83 28.69
CA VAL B 217 -12.20 -8.49 28.65
C VAL B 217 -12.99 -9.80 28.85
N PRO B 218 -13.66 -9.96 30.00
CA PRO B 218 -14.51 -11.14 30.18
C PRO B 218 -15.74 -11.06 29.29
N LEU B 219 -16.06 -12.19 28.64
CA LEU B 219 -17.26 -12.29 27.82
C LEU B 219 -18.15 -13.42 28.33
N ALA B 220 -19.42 -13.41 27.88
CA ALA B 220 -20.46 -14.20 28.52
C ALA B 220 -20.41 -15.68 28.19
N THR B 221 -19.80 -16.07 27.08
CA THR B 221 -19.69 -17.48 26.72
C THR B 221 -18.30 -17.76 26.15
N PRO B 222 -17.91 -19.01 26.11
CA PRO B 222 -16.58 -19.33 25.56
C PRO B 222 -16.46 -18.95 24.10
N GLU B 223 -17.53 -19.17 23.31
CA GLU B 223 -17.41 -18.99 21.87
C GLU B 223 -17.29 -17.52 21.53
N ALA B 224 -17.80 -16.62 22.37
CA ALA B 224 -17.61 -15.19 22.14
C ALA B 224 -16.14 -14.80 22.24
N ALA B 225 -15.41 -15.41 23.18
CA ALA B 225 -13.98 -15.21 23.23
C ALA B 225 -13.25 -15.94 22.09
N GLU B 226 -13.63 -17.19 21.81
CA GLU B 226 -12.98 -17.94 20.75
C GLU B 226 -13.14 -17.24 19.40
N GLY B 227 -14.23 -16.54 19.21
CA GLY B 227 -14.48 -15.86 17.96
C GLY B 227 -13.72 -14.60 17.78
N ARG B 228 -12.92 -14.22 18.76
CA ARG B 228 -12.10 -13.01 18.72
C ARG B 228 -10.62 -13.36 18.62
N ASN B 229 -10.32 -14.48 18.00
CA ASN B 229 -8.95 -14.88 17.65
C ASN B 229 -8.58 -14.27 16.29
N VAL B 230 -7.60 -13.37 16.28
CA VAL B 230 -7.32 -12.57 15.09
C VAL B 230 -6.79 -13.40 13.93
N THR B 231 -5.93 -14.40 14.20
CA THR B 231 -5.35 -15.20 13.13
C THR B 231 -6.42 -15.93 12.32
N THR B 232 -7.54 -16.29 12.94
CA THR B 232 -8.62 -16.95 12.23
C THR B 232 -9.07 -16.09 11.06
N TYR B 233 -9.16 -14.79 11.28
CA TYR B 233 -9.68 -13.91 10.26
C TYR B 233 -8.61 -13.48 9.26
N VAL B 234 -7.35 -13.44 9.64
CA VAL B 234 -6.29 -12.85 8.82
C VAL B 234 -5.42 -13.92 8.18
N HIS B 235 -4.96 -14.90 8.99
CA HIS B 235 -4.11 -15.94 8.40
C HIS B 235 -4.87 -16.76 7.38
N SER B 236 -6.15 -17.04 7.60
CA SER B 236 -6.88 -17.86 6.64
C SER B 236 -6.89 -17.28 5.24
N PRO B 237 -7.37 -16.05 5.01
CA PRO B 237 -7.40 -15.55 3.63
C PRO B 237 -6.03 -15.25 3.04
N PHE B 238 -5.04 -14.82 3.84
CA PHE B 238 -3.77 -14.38 3.30
C PHE B 238 -2.77 -15.50 3.12
N PHE B 239 -2.76 -16.51 4.01
CA PHE B 239 -1.68 -17.49 4.03
C PHE B 239 -2.15 -18.88 3.63
N LEU B 240 -3.43 -19.04 3.27
CA LEU B 240 -3.87 -20.28 2.63
C LEU B 240 -4.08 -20.10 1.15
N GLY B 241 -3.80 -18.88 0.59
CA GLY B 241 -3.94 -18.60 -0.82
C GLY B 241 -2.72 -19.04 -1.61
N GLU B 242 -2.83 -18.88 -2.94
CA GLU B 242 -1.84 -19.44 -3.85
C GLU B 242 -0.48 -18.78 -3.67
N PHE B 243 -0.45 -17.44 -3.51
CA PHE B 243 0.84 -16.76 -3.37
C PHE B 243 1.58 -17.26 -2.15
N ALA B 244 0.93 -17.25 -0.99
CA ALA B 244 1.59 -17.63 0.25
C ALA B 244 2.08 -19.06 0.18
N LEU B 245 1.26 -19.96 -0.33
CA LEU B 245 1.68 -21.37 -0.39
C LEU B 245 2.84 -21.56 -1.34
N ALA B 246 2.89 -20.79 -2.43
CA ALA B 246 4.02 -20.89 -3.34
C ALA B 246 5.31 -20.49 -2.66
N ARG B 247 5.26 -19.45 -1.81
CA ARG B 247 6.46 -19.08 -1.06
C ARG B 247 6.80 -20.15 -0.04
N ILE B 248 5.80 -20.58 0.73
CA ILE B 248 6.02 -21.44 1.89
C ILE B 248 6.60 -22.77 1.43
N LEU B 249 6.14 -23.28 0.30
CA LEU B 249 6.57 -24.59 -0.20
C LEU B 249 7.83 -24.51 -1.05
N SER B 250 8.37 -23.32 -1.24
CA SER B 250 9.55 -23.11 -2.06
C SER B 250 10.82 -23.34 -1.25
N GLU B 251 11.86 -23.76 -1.95
CA GLU B 251 13.17 -23.99 -1.35
C GLU B 251 14.19 -22.95 -1.74
N GLN B 252 14.13 -22.50 -2.99
CA GLN B 252 14.99 -21.45 -3.51
C GLN B 252 14.16 -20.22 -3.83
N GLY B 253 14.86 -19.12 -4.09
CA GLY B 253 14.22 -17.85 -4.29
C GLY B 253 14.01 -17.16 -2.95
N PRO B 254 13.70 -15.87 -2.98
CA PRO B 254 13.44 -15.16 -1.73
C PRO B 254 12.14 -15.62 -1.13
N PRO B 255 11.99 -15.58 0.19
CA PRO B 255 10.76 -16.10 0.80
C PRO B 255 9.55 -15.21 0.62
N GLY B 256 9.72 -13.98 0.14
CA GLY B 256 8.63 -13.03 0.15
C GLY B 256 8.24 -12.59 1.55
N PHE B 257 7.25 -11.71 1.61
CA PHE B 257 6.88 -11.04 2.84
C PHE B 257 5.40 -11.22 3.14
N MET B 258 5.11 -11.52 4.40
CA MET B 258 3.78 -11.95 4.78
C MET B 258 2.74 -10.86 4.58
N TYR B 259 3.11 -9.61 4.77
CA TYR B 259 2.10 -8.55 4.81
C TYR B 259 2.33 -7.47 3.75
N LYS B 260 3.09 -7.77 2.69
CA LYS B 260 3.23 -6.83 1.59
C LYS B 260 2.21 -7.12 0.50
N LEU B 261 2.04 -6.13 -0.37
CA LEU B 261 1.16 -6.28 -1.51
C LEU B 261 1.83 -7.10 -2.61
N TYR B 262 1.00 -7.72 -3.45
CA TYR B 262 1.55 -8.40 -4.61
C TYR B 262 2.34 -7.42 -5.48
N PRO B 263 3.51 -7.81 -6.03
CA PRO B 263 4.15 -9.13 -6.04
C PRO B 263 5.14 -9.41 -4.93
N GLU B 264 5.26 -8.51 -3.96
CA GLU B 264 6.19 -8.74 -2.85
C GLU B 264 5.59 -9.61 -1.75
N GLY B 265 4.26 -9.62 -1.65
CA GLY B 265 3.57 -10.37 -0.64
C GLY B 265 2.22 -10.76 -1.16
N PRO B 266 1.40 -11.37 -0.32
CA PRO B 266 0.16 -12.00 -0.79
C PRO B 266 -1.06 -11.09 -0.85
N ILE B 267 -0.94 -9.84 -0.43
CA ILE B 267 -2.15 -9.03 -0.28
C ILE B 267 -2.54 -8.46 -1.63
N THR B 268 -3.76 -8.77 -2.04
CA THR B 268 -4.34 -8.39 -3.31
C THR B 268 -5.79 -8.04 -3.02
N PRO B 269 -6.45 -7.36 -3.93
CA PRO B 269 -7.91 -7.17 -3.77
C PRO B 269 -8.65 -8.49 -3.67
N GLY B 270 -8.20 -9.55 -4.36
CA GLY B 270 -8.83 -10.85 -4.19
C GLY B 270 -8.68 -11.42 -2.80
N ALA B 271 -7.50 -11.25 -2.19
CA ALA B 271 -7.27 -11.70 -0.82
C ALA B 271 -8.15 -10.94 0.15
N ILE B 272 -8.34 -9.64 -0.09
CA ILE B 272 -9.21 -8.84 0.79
C ILE B 272 -10.66 -9.27 0.64
N GLY B 273 -11.09 -9.62 -0.58
CA GLY B 273 -12.43 -10.14 -0.78
C GLY B 273 -12.65 -11.43 -0.02
N ALA B 274 -11.67 -12.34 -0.09
CA ALA B 274 -11.71 -13.55 0.72
C ALA B 274 -11.82 -13.23 2.19
N MET B 275 -11.04 -12.25 2.67
CA MET B 275 -11.09 -11.86 4.07
C MET B 275 -12.49 -11.42 4.46
N ARG B 276 -13.09 -10.53 3.66
CA ARG B 276 -14.43 -10.10 3.99
C ARG B 276 -15.41 -11.26 4.00
N ARG B 277 -15.41 -12.08 2.93
CA ARG B 277 -16.39 -13.14 2.80
C ARG B 277 -16.23 -14.15 3.95
N LEU B 278 -15.00 -14.49 4.31
CA LEU B 278 -14.78 -15.38 5.44
C LEU B 278 -15.25 -14.76 6.75
N TRP B 279 -15.02 -13.46 6.94
CA TRP B 279 -15.51 -12.83 8.16
C TRP B 279 -17.03 -12.93 8.24
N CYS B 280 -17.72 -12.77 7.12
CA CYS B 280 -19.16 -12.95 7.09
C CYS B 280 -19.54 -14.36 7.46
N GLU B 281 -18.83 -15.35 6.91
CA GLU B 281 -19.14 -16.75 7.23
C GLU B 281 -18.92 -17.05 8.70
N LEU B 282 -17.76 -16.65 9.23
CA LEU B 282 -17.45 -16.89 10.63
C LEU B 282 -18.45 -16.19 11.53
N SER B 283 -18.85 -14.97 11.16
CA SER B 283 -19.78 -14.21 11.98
C SER B 283 -21.13 -14.92 12.08
N GLU B 284 -21.63 -15.47 10.99
CA GLU B 284 -22.90 -16.21 11.06
C GLU B 284 -22.76 -17.48 11.89
N LEU B 285 -21.63 -18.20 11.77
CA LEU B 285 -21.42 -19.37 12.66
C LEU B 285 -21.49 -18.96 14.12
N LEU B 286 -20.76 -17.90 14.46
CA LEU B 286 -20.79 -17.41 15.84
C LEU B 286 -22.22 -17.10 16.28
N ARG B 287 -23.00 -16.41 15.43
CA ARG B 287 -24.38 -16.11 15.80
C ARG B 287 -25.17 -17.39 16.03
N ARG B 288 -24.97 -18.42 15.20
CA ARG B 288 -25.69 -19.68 15.41
C ARG B 288 -25.25 -20.38 16.67
N MET B 289 -24.05 -20.12 17.17
CA MET B 289 -23.58 -20.66 18.44
C MET B 289 -23.83 -19.73 19.62
N GLY B 290 -24.60 -18.68 19.43
CA GLY B 290 -24.99 -17.81 20.52
C GLY B 290 -23.92 -16.83 20.95
N ALA B 291 -23.08 -16.40 20.02
CA ALA B 291 -21.99 -15.47 20.28
C ALA B 291 -22.15 -14.26 19.37
N GLU B 292 -21.94 -13.07 19.93
CA GLU B 292 -21.99 -11.84 19.15
C GLU B 292 -20.71 -11.73 18.33
N PRO B 293 -20.80 -11.62 17.01
CA PRO B 293 -19.58 -11.48 16.22
C PRO B 293 -18.91 -10.12 16.36
N LEU B 294 -17.74 -9.98 15.74
CA LEU B 294 -16.93 -8.79 15.85
C LEU B 294 -17.03 -7.95 14.58
N ASN B 295 -16.72 -6.68 14.74
CA ASN B 295 -16.52 -5.72 13.66
C ASN B 295 -15.05 -5.85 13.24
N LEU B 296 -14.80 -6.45 12.07
CA LEU B 296 -13.43 -6.86 11.76
C LEU B 296 -12.50 -5.66 11.74
N LEU B 297 -12.93 -4.58 11.07
CA LEU B 297 -12.03 -3.43 10.94
C LEU B 297 -11.72 -2.80 12.30
N ARG B 298 -12.73 -2.67 13.16
CA ARG B 298 -12.53 -2.12 14.49
C ARG B 298 -11.64 -3.02 15.32
N PHE B 299 -11.84 -4.33 15.21
CA PHE B 299 -11.02 -5.30 15.91
C PHE B 299 -9.56 -5.20 15.49
N LEU B 300 -9.31 -5.11 14.18
CA LEU B 300 -7.94 -5.00 13.70
C LEU B 300 -7.32 -3.69 14.18
N ASN B 301 -8.04 -2.58 14.01
CA ASN B 301 -7.46 -1.29 14.33
C ASN B 301 -7.25 -1.11 15.82
N ASP B 302 -8.20 -1.55 16.62
CA ASP B 302 -8.23 -1.20 18.04
C ASP B 302 -7.59 -2.27 18.91
N ASP B 303 -7.65 -3.50 18.49
CA ASP B 303 -6.98 -4.57 19.21
C ASP B 303 -5.60 -4.96 18.69
N ASN B 304 -5.26 -4.64 17.45
CA ASN B 304 -4.04 -4.99 16.90
C ASN B 304 -3.13 -3.83 16.59
N TYR B 305 -3.16 -3.18 15.45
CA TYR B 305 -2.27 -2.05 15.18
C TYR B 305 -3.10 -0.97 14.52
N PRO B 306 -3.05 0.24 15.05
CA PRO B 306 -3.89 1.31 14.52
C PRO B 306 -3.22 2.05 13.37
N VAL B 307 -4.04 2.83 12.67
CA VAL B 307 -3.59 3.79 11.67
C VAL B 307 -4.26 5.14 11.97
N HIS B 308 -3.80 6.14 11.23
CA HIS B 308 -4.26 7.50 11.45
C HIS B 308 -5.67 7.69 10.91
N GLU B 309 -6.35 8.69 11.48
CA GLU B 309 -7.69 9.07 11.04
C GLU B 309 -7.73 9.36 9.54
N THR B 310 -6.67 9.94 8.97
CA THR B 310 -6.73 10.25 7.55
C THR B 310 -6.73 9.02 6.67
N MET B 311 -6.24 7.90 7.17
CA MET B 311 -6.30 6.66 6.41
C MET B 311 -7.59 5.91 6.69
N LEU B 312 -7.95 5.77 7.97
CA LEU B 312 -9.19 5.11 8.38
C LEU B 312 -9.92 6.01 9.36
N PRO B 313 -10.91 6.77 8.90
CA PRO B 313 -11.67 7.62 9.83
C PRO B 313 -12.36 6.79 10.89
N ARG B 314 -12.38 7.33 12.12
CA ARG B 314 -13.07 6.65 13.20
C ARG B 314 -14.50 6.27 12.81
N ALA B 315 -15.23 7.15 12.12
CA ALA B 315 -16.59 6.80 11.77
C ALA B 315 -16.63 5.62 10.79
N SER B 316 -15.64 5.48 9.92
CA SER B 316 -15.59 4.35 9.00
C SER B 316 -15.25 3.08 9.75
N ILE B 317 -14.37 3.19 10.75
CA ILE B 317 -14.04 2.04 11.58
C ILE B 317 -15.27 1.56 12.35
N ASP B 318 -15.92 2.48 13.07
CA ASP B 318 -17.06 2.10 13.89
C ASP B 318 -18.22 1.61 13.04
N GLY B 319 -18.38 2.15 11.83
CA GLY B 319 -19.49 1.84 10.96
C GLY B 319 -19.25 0.67 10.03
N PHE B 320 -18.09 0.04 10.12
CA PHE B 320 -17.69 -0.96 9.14
C PHE B 320 -18.74 -2.05 8.92
N ALA B 321 -19.31 -2.60 10.00
CA ALA B 321 -20.21 -3.74 9.83
C ALA B 321 -21.45 -3.40 9.02
N GLU B 322 -21.80 -2.12 8.89
CA GLU B 322 -22.98 -1.72 8.13
C GLU B 322 -22.66 -1.04 6.80
N ALA B 323 -21.40 -1.06 6.36
CA ALA B 323 -20.98 -0.25 5.23
C ALA B 323 -21.24 -0.87 3.86
N GLY B 324 -21.58 -2.14 3.79
CA GLY B 324 -21.73 -2.61 2.41
C GLY B 324 -20.44 -3.17 1.88
N ALA B 325 -20.55 -4.21 1.06
CA ALA B 325 -19.37 -5.03 0.80
C ALA B 325 -18.24 -4.27 0.10
N GLU B 326 -18.58 -3.42 -0.88
CA GLU B 326 -17.52 -2.74 -1.62
C GLU B 326 -16.71 -1.84 -0.68
N ARG B 327 -17.41 -1.00 0.09
CA ARG B 327 -16.73 -0.15 1.05
C ARG B 327 -15.94 -0.95 2.08
N GLN B 328 -16.50 -2.07 2.54
CA GLN B 328 -15.79 -2.91 3.51
C GLN B 328 -14.48 -3.42 2.92
N GLU B 329 -14.50 -3.88 1.66
CA GLU B 329 -13.25 -4.34 1.04
C GLU B 329 -12.26 -3.19 0.85
N TYR B 330 -12.73 -2.04 0.39
CA TYR B 330 -11.85 -0.88 0.22
C TYR B 330 -11.19 -0.53 1.56
N LEU B 331 -11.98 -0.49 2.64
CA LEU B 331 -11.44 -0.13 3.95
C LEU B 331 -10.40 -1.14 4.42
N LEU B 332 -10.65 -2.44 4.24
CA LEU B 332 -9.68 -3.45 4.63
C LEU B 332 -8.40 -3.34 3.83
N PHE B 333 -8.51 -3.12 2.51
CA PHE B 333 -7.33 -2.92 1.70
C PHE B 333 -6.54 -1.71 2.17
N VAL B 334 -7.23 -0.60 2.45
CA VAL B 334 -6.54 0.59 2.95
C VAL B 334 -5.82 0.29 4.26
N ARG B 335 -6.48 -0.44 5.15
CA ARG B 335 -5.85 -0.77 6.42
C ARG B 335 -4.51 -1.47 6.20
N TYR B 336 -4.46 -2.48 5.33
CA TYR B 336 -3.18 -3.18 5.15
C TYR B 336 -2.17 -2.35 4.36
N ALA B 337 -2.63 -1.54 3.39
CA ALA B 337 -1.72 -0.65 2.69
C ALA B 337 -1.13 0.39 3.63
N ALA B 338 -1.96 0.89 4.55
CA ALA B 338 -1.54 1.90 5.51
C ALA B 338 -0.50 1.36 6.47
N LEU B 339 -0.43 0.05 6.64
CA LEU B 339 0.52 -0.58 7.54
C LEU B 339 1.69 -1.22 6.82
N LEU B 340 1.90 -0.95 5.52
CA LEU B 340 3.10 -1.41 4.86
C LEU B 340 4.33 -0.87 5.58
N VAL B 341 4.22 0.36 6.10
CA VAL B 341 5.17 0.92 7.07
C VAL B 341 4.37 1.18 8.34
N ASP B 342 5.06 1.29 9.47
CA ASP B 342 4.36 1.58 10.72
C ASP B 342 4.18 3.09 10.79
N PRO B 343 2.96 3.62 10.67
CA PRO B 343 2.83 5.08 10.55
C PRO B 343 3.07 5.82 11.82
N PHE B 344 3.12 5.12 12.96
CA PHE B 344 3.40 5.71 14.26
C PHE B 344 4.85 5.55 14.68
N SER B 345 5.64 4.83 13.89
CA SER B 345 7.07 4.76 14.10
C SER B 345 7.72 6.12 13.80
N PRO B 346 8.90 6.37 14.37
CA PRO B 346 9.60 7.61 14.03
C PRO B 346 10.12 7.61 12.61
N ALA B 347 10.00 8.76 11.96
CA ALA B 347 10.54 8.94 10.62
C ALA B 347 12.06 8.96 10.70
N ASP B 348 12.71 8.39 9.69
CA ASP B 348 14.16 8.52 9.63
C ASP B 348 14.49 9.85 8.96
N GLU B 349 15.77 10.07 8.69
CA GLU B 349 16.17 11.35 8.12
C GLU B 349 15.61 11.54 6.72
N GLN B 350 15.19 10.47 6.05
CA GLN B 350 14.64 10.54 4.71
C GLN B 350 13.11 10.53 4.68
N GLY B 351 12.45 10.74 5.82
CA GLY B 351 11.01 10.71 5.86
C GLY B 351 10.40 9.32 5.82
N ARG B 352 11.23 8.29 5.93
CA ARG B 352 10.70 6.93 5.88
C ARG B 352 10.36 6.40 7.25
N HIS B 353 9.32 5.58 7.29
CA HIS B 353 8.91 4.92 8.53
C HIS B 353 9.30 3.45 8.48
N PHE B 354 9.24 2.81 9.63
CA PHE B 354 9.69 1.47 9.81
C PHE B 354 8.96 0.51 8.86
N ASP B 355 9.69 -0.40 8.22
CA ASP B 355 9.13 -1.33 7.26
C ASP B 355 8.47 -2.49 8.00
N PHE B 356 7.29 -2.23 8.52
CA PHE B 356 6.51 -3.11 9.32
C PHE B 356 6.06 -4.36 8.61
N SER B 357 5.79 -4.23 7.35
CA SER B 357 5.30 -5.32 6.58
C SER B 357 6.34 -6.35 6.12
N ALA B 358 7.62 -6.13 6.34
CA ALA B 358 8.61 -7.04 5.88
C ALA B 358 8.89 -8.20 6.83
N VAL B 359 7.89 -9.01 7.07
CA VAL B 359 8.02 -10.16 7.90
C VAL B 359 8.17 -11.26 6.88
N PRO B 360 9.30 -11.91 6.84
CA PRO B 360 9.51 -12.93 5.80
C PRO B 360 8.67 -14.17 6.07
N PHE B 361 8.25 -14.82 4.99
CA PHE B 361 7.60 -16.12 5.15
C PHE B 361 8.62 -17.11 5.69
N ARG B 362 8.23 -17.83 6.75
CA ARG B 362 8.91 -19.08 7.11
C ARG B 362 8.49 -20.14 6.10
N ARG B 363 9.42 -21.01 5.73
CA ARG B 363 9.17 -21.97 4.69
C ARG B 363 9.39 -23.40 5.19
N VAL B 364 9.03 -24.35 4.31
CA VAL B 364 9.17 -25.76 4.67
C VAL B 364 10.62 -26.02 5.00
N SER B 365 10.84 -26.96 5.93
CA SER B 365 12.17 -27.33 6.36
C SER B 365 12.17 -28.81 6.67
N ARG B 366 13.33 -29.43 6.49
CA ARG B 366 13.44 -30.83 6.85
C ARG B 366 13.67 -30.96 8.38
N ASP B 367 13.01 -31.92 9.03
CA ASP B 367 13.13 -32.14 10.45
C ASP B 367 14.36 -33.02 10.81
N GLU B 368 14.55 -33.39 12.06
CA GLU B 368 15.72 -34.17 12.40
C GLU B 368 15.72 -35.56 11.76
N ASP B 369 14.56 -36.05 11.40
CA ASP B 369 14.45 -37.33 10.69
C ASP B 369 14.54 -37.16 9.18
N GLY B 370 14.81 -35.94 8.69
CA GLY B 370 14.96 -35.68 7.28
C GLY B 370 13.67 -35.44 6.54
N LEU B 371 12.56 -35.26 7.24
CA LEU B 371 11.24 -35.18 6.64
C LEU B 371 10.80 -33.72 6.54
N TRP B 372 10.16 -33.38 5.43
CA TRP B 372 9.68 -32.02 5.26
C TRP B 372 8.57 -31.73 6.25
N ARG B 373 8.64 -30.58 6.91
CA ARG B 373 7.59 -30.07 7.78
C ARG B 373 7.19 -28.66 7.33
N LEU B 374 5.97 -28.38 7.52
CA LEU B 374 5.42 -27.04 7.34
C LEU B 374 5.58 -26.22 8.60
N PRO B 375 5.79 -24.92 8.46
CA PRO B 375 5.81 -24.04 9.64
C PRO B 375 4.42 -23.90 10.22
N ARG B 376 4.37 -23.41 11.47
CA ARG B 376 3.09 -23.33 12.17
C ARG B 376 2.13 -22.44 11.39
N VAL B 377 2.64 -21.36 10.81
CA VAL B 377 1.95 -20.62 9.77
C VAL B 377 2.38 -21.26 8.44
N PRO B 378 1.51 -22.01 7.76
CA PRO B 378 0.06 -22.08 7.89
C PRO B 378 -0.54 -23.38 8.41
N LEU B 379 0.28 -24.32 8.88
CA LEU B 379 -0.26 -25.60 9.31
C LEU B 379 -1.33 -25.43 10.38
N GLU B 380 -1.03 -24.65 11.41
CA GLU B 380 -1.98 -24.49 12.50
C GLU B 380 -3.23 -23.81 11.99
N ASP B 381 -3.07 -22.88 11.04
CA ASP B 381 -4.19 -22.13 10.50
C ASP B 381 -5.11 -23.01 9.68
N TYR B 382 -4.54 -23.88 8.85
CA TYR B 382 -5.34 -24.83 8.11
C TYR B 382 -6.12 -25.73 9.04
N ARG B 383 -5.45 -26.28 10.06
CA ARG B 383 -6.13 -27.23 10.93
C ARG B 383 -7.28 -26.58 11.67
N LYS B 384 -7.08 -25.34 12.13
CA LYS B 384 -8.17 -24.60 12.76
C LYS B 384 -9.34 -24.39 11.81
N LEU B 385 -9.07 -23.94 10.59
CA LEU B 385 -10.16 -23.66 9.66
C LEU B 385 -10.88 -24.94 9.24
N ALA B 386 -10.14 -26.05 9.07
CA ALA B 386 -10.77 -27.31 8.72
C ALA B 386 -11.79 -27.72 9.78
N LEU B 387 -11.45 -27.55 11.06
CA LEU B 387 -12.37 -27.88 12.14
C LEU B 387 -13.59 -26.98 12.08
N ILE B 388 -13.36 -25.68 11.91
CA ILE B 388 -14.47 -24.72 11.86
C ILE B 388 -15.45 -25.08 10.75
N VAL B 389 -14.95 -25.44 9.58
CA VAL B 389 -15.84 -25.79 8.47
C VAL B 389 -16.65 -27.05 8.80
N ALA B 390 -15.98 -28.07 9.35
CA ALA B 390 -16.69 -29.29 9.71
C ALA B 390 -17.75 -29.02 10.78
N LEU B 391 -17.44 -28.14 11.72
CA LEU B 391 -18.41 -27.77 12.74
C LEU B 391 -19.58 -27.01 12.12
N ALA B 392 -19.28 -26.08 11.21
CA ALA B 392 -20.32 -25.25 10.64
C ALA B 392 -21.33 -26.08 9.86
N ALA B 393 -20.90 -27.21 9.32
CA ALA B 393 -21.84 -28.05 8.59
C ALA B 393 -22.98 -28.50 9.49
N HIS B 394 -22.73 -28.68 10.78
CA HIS B 394 -23.80 -29.11 11.68
C HIS B 394 -24.83 -28.02 11.85
N PHE B 395 -24.47 -26.76 11.62
CA PHE B 395 -25.41 -25.65 11.68
C PHE B 395 -25.94 -25.28 10.31
N ASP B 396 -25.76 -26.17 9.33
CA ASP B 396 -26.28 -25.97 8.00
C ASP B 396 -25.64 -24.78 7.33
N LEU B 397 -24.37 -24.53 7.61
CA LEU B 397 -23.61 -23.47 6.99
C LEU B 397 -22.51 -24.10 6.14
N ALA B 398 -22.51 -23.79 4.85
CA ALA B 398 -21.63 -24.42 3.89
C ALA B 398 -20.25 -23.78 3.85
N MET B 399 -20.12 -22.50 4.20
CA MET B 399 -18.85 -21.80 4.26
C MET B 399 -18.04 -21.96 2.98
N PRO B 400 -18.61 -21.50 1.84
CA PRO B 400 -17.90 -21.70 0.58
C PRO B 400 -16.53 -21.02 0.53
N GLN B 401 -16.41 -19.81 1.10
CA GLN B 401 -15.12 -19.15 1.08
C GLN B 401 -14.09 -19.93 1.89
N ALA B 402 -14.46 -20.33 3.11
CA ALA B 402 -13.55 -21.16 3.91
C ALA B 402 -13.15 -22.40 3.13
N ARG B 403 -14.11 -23.06 2.47
CA ARG B 403 -13.82 -24.30 1.76
C ARG B 403 -12.86 -24.04 0.60
N SER B 404 -12.99 -22.90 -0.07
CA SER B 404 -12.07 -22.54 -1.14
C SER B 404 -10.64 -22.40 -0.61
N LEU B 405 -10.49 -21.79 0.56
CA LEU B 405 -9.16 -21.62 1.14
C LEU B 405 -8.58 -22.97 1.55
N LEU B 406 -9.40 -23.84 2.14
CA LEU B 406 -8.96 -25.19 2.48
C LEU B 406 -8.49 -25.93 1.24
N ALA B 407 -9.28 -25.86 0.16
CA ALA B 407 -8.89 -26.53 -1.09
C ALA B 407 -7.59 -26.00 -1.67
N SER B 408 -7.39 -24.68 -1.60
CA SER B 408 -6.15 -24.07 -2.07
C SER B 408 -4.94 -24.65 -1.37
N TYR B 409 -5.00 -24.73 -0.04
CA TYR B 409 -3.94 -25.36 0.74
C TYR B 409 -3.77 -26.83 0.37
N GLU B 410 -4.86 -27.57 0.33
CA GLU B 410 -4.78 -29.02 0.12
C GLU B 410 -4.18 -29.31 -1.24
N ASN B 411 -4.59 -28.57 -2.26
CA ASN B 411 -4.05 -28.79 -3.60
C ASN B 411 -2.57 -28.47 -3.65
N ALA B 412 -2.14 -27.37 -3.03
CA ALA B 412 -0.72 -27.01 -3.07
C ALA B 412 0.12 -28.02 -2.32
N VAL B 413 -0.30 -28.39 -1.12
CA VAL B 413 0.50 -29.33 -0.32
C VAL B 413 0.54 -30.69 -1.01
N SER B 414 -0.60 -31.09 -1.62
CA SER B 414 -0.64 -32.34 -2.38
C SER B 414 0.37 -32.36 -3.52
N ARG B 415 0.49 -31.26 -4.24
CA ARG B 415 1.48 -31.18 -5.31
C ARG B 415 2.91 -31.20 -4.76
N PHE B 416 3.13 -30.58 -3.60
CA PHE B 416 4.45 -30.69 -2.96
C PHE B 416 4.77 -32.13 -2.63
N ILE B 417 3.82 -32.87 -2.06
CA ILE B 417 4.07 -34.29 -1.75
C ILE B 417 4.36 -35.05 -3.04
N ASP B 418 3.58 -34.81 -4.10
CA ASP B 418 3.81 -35.46 -5.38
C ASP B 418 5.26 -35.29 -5.82
N CYS B 419 5.76 -34.06 -5.70
CA CYS B 419 7.09 -33.74 -6.21
CA CYS B 419 7.09 -33.75 -6.20
C CYS B 419 8.20 -34.28 -5.30
N GLN B 420 8.05 -34.15 -3.98
CA GLN B 420 9.11 -34.53 -3.08
C GLN B 420 9.10 -36.01 -2.74
N GLY B 421 7.95 -36.66 -2.86
CA GLY B 421 7.75 -38.02 -2.41
C GLY B 421 7.19 -38.13 -1.02
N ALA B 422 6.16 -38.95 -0.87
CA ALA B 422 5.53 -39.09 0.46
C ALA B 422 6.55 -39.58 1.48
N SER B 423 7.49 -40.43 1.06
CA SER B 423 8.45 -40.96 2.03
C SER B 423 9.37 -39.87 2.56
N GLN B 424 9.42 -38.71 1.89
CA GLN B 424 10.24 -37.59 2.28
C GLN B 424 9.48 -36.55 3.10
N CYS B 425 8.19 -36.74 3.29
CA CYS B 425 7.30 -35.76 3.92
C CYS B 425 6.80 -36.27 5.26
N HIS B 426 6.77 -35.37 6.25
CA HIS B 426 6.23 -35.69 7.56
C HIS B 426 4.72 -35.92 7.45
N PRO B 427 4.16 -36.82 8.25
CA PRO B 427 2.74 -37.17 8.08
C PRO B 427 1.78 -36.02 8.36
N SER B 428 2.25 -34.97 9.02
CA SER B 428 1.40 -33.79 9.26
C SER B 428 1.01 -33.10 7.98
N LEU B 429 1.69 -33.40 6.87
CA LEU B 429 1.31 -32.86 5.58
C LEU B 429 0.18 -33.65 4.91
N TYR B 430 -0.13 -34.84 5.41
CA TYR B 430 -1.08 -35.74 4.76
C TYR B 430 -2.50 -35.31 5.09
N PRO B 431 -3.48 -35.85 4.38
CA PRO B 431 -4.87 -35.42 4.60
C PRO B 431 -5.33 -35.70 6.03
N ILE B 432 -6.17 -34.80 6.53
CA ILE B 432 -6.77 -34.93 7.85
C ILE B 432 -8.30 -34.94 7.70
N ASP B 433 -8.96 -35.45 8.74
CA ASP B 433 -10.43 -35.51 8.78
C ASP B 433 -10.87 -34.94 10.13
N SER B 434 -11.46 -33.74 10.13
CA SER B 434 -11.88 -33.12 11.38
C SER B 434 -13.33 -33.40 11.71
N ARG B 435 -13.99 -34.31 10.99
CA ARG B 435 -15.42 -34.49 11.23
C ARG B 435 -15.71 -35.13 12.58
N PRO B 436 -14.91 -36.09 13.05
CA PRO B 436 -15.18 -36.61 14.41
C PRO B 436 -15.10 -35.54 15.49
N ALA B 437 -14.08 -34.66 15.44
CA ALA B 437 -13.99 -33.60 16.43
C ALA B 437 -15.19 -32.65 16.31
N ALA B 438 -15.59 -32.32 15.09
CA ALA B 438 -16.72 -31.43 14.90
C ALA B 438 -18.00 -32.05 15.46
N ASP B 439 -18.18 -33.36 15.25
CA ASP B 439 -19.36 -34.01 15.76
C ASP B 439 -19.40 -33.98 17.27
N ALA B 440 -18.24 -34.16 17.91
CA ALA B 440 -18.17 -34.15 19.36
C ALA B 440 -18.46 -32.76 19.89
N ILE B 441 -18.00 -31.73 19.20
CA ILE B 441 -18.30 -30.37 19.62
C ILE B 441 -19.79 -30.11 19.54
N TYR B 442 -20.41 -30.47 18.41
CA TYR B 442 -21.84 -30.25 18.22
C TYR B 442 -22.68 -30.99 19.25
N ARG B 443 -22.33 -32.26 19.51
CA ARG B 443 -23.05 -33.03 20.53
C ARG B 443 -22.93 -32.36 21.91
N GLN B 444 -21.74 -31.89 22.26
CA GLN B 444 -21.56 -31.22 23.54
C GLN B 444 -22.39 -29.94 23.58
N TRP B 445 -22.40 -29.19 22.48
CA TRP B 445 -23.15 -27.93 22.45
C TRP B 445 -24.64 -28.18 22.61
N CYS B 446 -25.14 -29.28 22.03
CA CYS B 446 -26.55 -29.62 22.16
C CYS B 446 -26.90 -30.26 23.51
N SER B 447 -25.89 -30.62 24.31
CA SER B 447 -26.12 -31.36 25.56
C SER B 447 -26.93 -30.55 26.56
#